data_4DO5
#
_entry.id   4DO5
#
_cell.length_a   154.352
_cell.length_b   114.513
_cell.length_c   68.553
_cell.angle_alpha   90.000
_cell.angle_beta   95.640
_cell.angle_gamma   90.000
#
_symmetry.space_group_name_H-M   'C 1 2 1'
#
loop_
_entity.id
_entity.type
_entity.pdbx_description
1 polymer Alpha-N-acetylgalactosaminidase
2 branched 2-acetamido-2-deoxy-beta-D-glucopyranose-(1-4)-2-acetamido-2-deoxy-beta-D-glucopyranose
3 branched alpha-D-mannopyranose-(1-3)-[alpha-D-mannopyranose-(1-6)]beta-D-mannopyranose-(1-4)-2-acetamido-2-deoxy-beta-D-glucopyranose-(1-4)-2-acetamido-2-deoxy-beta-D-glucopyranose
4 non-polymer 2-acetamido-2-deoxy-beta-D-glucopyranose
5 non-polymer (2R,3S,4R,5S)-2-(hydroxymethyl)piperidine-3,4,5-triol
6 non-polymer 'CITRIC ACID'
7 non-polymer GLYCEROL
8 water water
#
_entity_poly.entity_id   1
_entity_poly.type   'polypeptide(L)'
_entity_poly.pdbx_seq_one_letter_code
;LDNGLLQTPPMGWLAWERFRCNINCDEDPKNCISEQLFMEMADRMAQDGWRDMGYTYLNIDDCWIGGRDASGRLMPDPKR
FPHGIPFLADYVHSLGLKLGIYADMGNFTCMGYPGTTLDKVVQDAQTFAEWKVDMLKLDGCFSTPEERAQGYPKMAAALN
ATGRPIAFSCSWPAYEGGLPPRVQYSLLADICNLWRNYDDIQDSWWSVLSILNWFVEHQDILQPVAGPGHWNDPDMLLIG
NFGLSLEQSRAQMALWTVLAAPLLMSTDLRTISAQNMDILQNPLMIKINQDPLGIQGRRIHKEKSLIEVYMRPLSNKASA
LVFFSCRTDMPYRYHSSLGQLNFTGSVIYEAQDVYSGDIISGLRDETNFTVIINPSGVVMWYLYPIKNLEMSQQHHHHHH
;
_entity_poly.pdbx_strand_id   A,B
#
# COMPACT_ATOMS: atom_id res chain seq x y z
N LEU A 1 -11.04 21.46 -26.34
CA LEU A 1 -12.14 22.47 -26.51
C LEU A 1 -11.48 23.83 -26.68
N ASP A 2 -11.85 24.54 -27.74
CA ASP A 2 -11.16 25.76 -28.17
C ASP A 2 -11.69 27.01 -27.46
N ASN A 3 -11.65 26.99 -26.14
CA ASN A 3 -12.17 28.07 -25.32
C ASN A 3 -11.06 28.85 -24.63
N GLY A 4 -9.82 28.61 -25.03
CA GLY A 4 -8.66 29.32 -24.49
C GLY A 4 -8.16 28.79 -23.16
N LEU A 5 -8.88 27.85 -22.59
CA LEU A 5 -8.61 27.34 -21.24
C LEU A 5 -7.79 26.05 -21.23
N LEU A 6 -7.06 25.87 -20.13
CA LEU A 6 -6.31 24.63 -19.86
C LEU A 6 -5.37 24.29 -21.01
N GLN A 7 -4.59 25.29 -21.41
CA GLN A 7 -3.50 25.08 -22.35
C GLN A 7 -2.36 24.24 -21.75
N THR A 8 -2.38 24.12 -20.42
CA THR A 8 -1.64 23.10 -19.68
C THR A 8 -2.65 22.34 -18.80
N PRO A 9 -2.26 21.16 -18.30
CA PRO A 9 -3.28 20.42 -17.56
C PRO A 9 -3.76 21.17 -16.29
N PRO A 10 -5.03 21.03 -15.92
CA PRO A 10 -5.48 21.72 -14.71
C PRO A 10 -4.83 21.17 -13.44
N MET A 11 -4.58 22.07 -12.52
CA MET A 11 -4.06 21.72 -11.22
C MET A 11 -5.02 22.27 -10.19
N GLY A 12 -5.28 21.49 -9.16
CA GLY A 12 -6.13 21.94 -8.10
C GLY A 12 -6.48 20.86 -7.13
N TRP A 13 -7.67 20.97 -6.55
CA TRP A 13 -8.17 20.08 -5.50
C TRP A 13 -9.60 19.78 -5.80
N LEU A 14 -9.99 18.52 -5.62
CA LEU A 14 -11.34 18.05 -5.92
C LEU A 14 -11.80 17.27 -4.69
N ALA A 15 -13.03 17.52 -4.22
CA ALA A 15 -13.50 16.94 -2.96
C ALA A 15 -13.65 15.41 -2.92
N TRP A 16 -13.88 14.79 -4.07
CA TRP A 16 -14.53 13.49 -4.07
C TRP A 16 -13.73 12.35 -3.44
N GLU A 17 -12.46 12.17 -3.84
CA GLU A 17 -11.79 10.95 -3.42
C GLU A 17 -11.75 10.82 -1.91
N ARG A 18 -11.32 11.91 -1.26
CA ARG A 18 -11.15 11.88 0.16
C ARG A 18 -12.42 12.12 0.99
N PHE A 19 -13.35 12.95 0.50
CA PHE A 19 -14.50 13.33 1.30
C PHE A 19 -15.84 12.74 0.84
N ARG A 20 -15.89 12.26 -0.39
CA ARG A 20 -16.98 11.46 -0.94
C ARG A 20 -18.36 12.15 -0.74
N CYS A 21 -19.36 11.38 -0.31
CA CYS A 21 -20.71 11.88 -0.13
C CYS A 21 -21.08 12.00 1.35
N ASN A 22 -20.14 12.50 2.15
CA ASN A 22 -20.37 12.64 3.57
C ASN A 22 -21.22 13.89 3.81
N ILE A 23 -22.48 13.69 4.14
CA ILE A 23 -23.38 14.83 4.36
C ILE A 23 -23.83 14.94 5.81
N ASN A 24 -23.16 14.21 6.71
CA ASN A 24 -23.54 14.18 8.11
C ASN A 24 -22.83 15.28 8.85
N CYS A 25 -23.30 16.50 8.67
CA CYS A 25 -22.61 17.64 9.31
C CYS A 25 -22.92 17.70 10.80
N ASP A 26 -24.04 17.11 11.23
CA ASP A 26 -24.36 17.09 12.67
C ASP A 26 -23.33 16.27 13.45
N GLU A 27 -22.96 15.10 12.92
CA GLU A 27 -22.00 14.23 13.60
C GLU A 27 -20.56 14.47 13.19
N ASP A 28 -20.35 14.99 11.97
CA ASP A 28 -19.00 15.10 11.41
C ASP A 28 -18.81 16.46 10.70
N PRO A 29 -18.95 17.57 11.45
CA PRO A 29 -18.96 18.89 10.86
C PRO A 29 -17.67 19.29 10.14
N LYS A 30 -16.53 18.72 10.54
CA LYS A 30 -15.24 19.08 9.96
C LYS A 30 -14.98 18.45 8.61
N ASN A 31 -15.65 17.34 8.32
CA ASN A 31 -15.36 16.56 7.12
C ASN A 31 -16.52 16.41 6.17
N CYS A 32 -17.70 16.89 6.55
CA CYS A 32 -18.84 16.83 5.64
C CYS A 32 -18.69 17.79 4.46
N ILE A 33 -19.38 17.45 3.36
CA ILE A 33 -19.44 18.30 2.19
C ILE A 33 -20.26 19.54 2.55
N SER A 34 -19.59 20.68 2.66
CA SER A 34 -20.22 21.89 3.13
C SER A 34 -19.44 23.11 2.70
N GLU A 35 -20.09 24.26 2.72
CA GLU A 35 -19.39 25.56 2.54
C GLU A 35 -18.12 25.68 3.37
N GLN A 36 -18.20 25.31 4.64
CA GLN A 36 -17.06 25.39 5.52
C GLN A 36 -15.87 24.57 5.00
N LEU A 37 -16.11 23.35 4.56
CA LEU A 37 -15.02 22.51 4.02
C LEU A 37 -14.31 23.22 2.88
N PHE A 38 -15.08 23.75 1.91
CA PHE A 38 -14.51 24.41 0.76
C PHE A 38 -13.79 25.68 1.16
N MET A 39 -14.37 26.45 2.07
CA MET A 39 -13.68 27.65 2.54
C MET A 39 -12.33 27.32 3.21
N GLU A 40 -12.32 26.29 4.06
CA GLU A 40 -11.08 25.91 4.75
C GLU A 40 -10.01 25.42 3.77
N MET A 41 -10.42 24.65 2.77
CA MET A 41 -9.47 24.16 1.77
C MET A 41 -8.95 25.33 0.94
N ALA A 42 -9.82 26.27 0.58
CA ALA A 42 -9.39 27.49 -0.10
C ALA A 42 -8.33 28.24 0.68
N ASP A 43 -8.57 28.40 1.99
CA ASP A 43 -7.63 29.09 2.86
C ASP A 43 -6.30 28.36 2.85
N ARG A 44 -6.30 27.02 2.90
CA ARG A 44 -5.03 26.28 2.82
C ARG A 44 -4.33 26.47 1.49
N MET A 45 -5.08 26.47 0.39
CA MET A 45 -4.49 26.65 -0.94
C MET A 45 -3.85 28.02 -1.05
N ALA A 46 -4.49 29.03 -0.46
CA ALA A 46 -3.96 30.40 -0.50
C ALA A 46 -2.77 30.59 0.43
N GLN A 47 -2.76 29.91 1.57
CA GLN A 47 -1.76 30.18 2.62
C GLN A 47 -0.53 29.27 2.62
N ASP A 48 -0.69 28.05 2.10
CA ASP A 48 0.34 27.03 2.26
C ASP A 48 1.07 26.68 0.97
N GLY A 49 1.04 27.60 0.00
CA GLY A 49 1.91 27.52 -1.17
C GLY A 49 1.26 26.90 -2.40
N TRP A 50 0.09 26.29 -2.23
CA TRP A 50 -0.54 25.52 -3.30
C TRP A 50 -0.85 26.40 -4.51
N ARG A 51 -1.56 27.50 -4.29
CA ARG A 51 -1.90 28.41 -5.38
C ARG A 51 -0.63 28.92 -6.08
N ASP A 52 0.37 29.32 -5.29
CA ASP A 52 1.61 29.85 -5.80
C ASP A 52 2.40 28.85 -6.67
N MET A 53 2.26 27.57 -6.35
CA MET A 53 2.89 26.50 -7.15
C MET A 53 2.05 26.13 -8.38
N GLY A 54 0.82 26.64 -8.49
CA GLY A 54 0.00 26.42 -9.68
C GLY A 54 -1.33 25.74 -9.45
N TYR A 55 -1.58 25.27 -8.23
CA TYR A 55 -2.84 24.59 -7.90
C TYR A 55 -3.92 25.64 -7.69
N THR A 56 -4.75 25.84 -8.70
CA THR A 56 -5.65 26.99 -8.73
C THR A 56 -7.14 26.65 -8.67
N TYR A 57 -7.52 25.43 -9.02
CA TYR A 57 -8.91 25.03 -8.98
C TYR A 57 -9.28 24.40 -7.66
N LEU A 58 -10.45 24.79 -7.17
N LEU A 58 -10.42 24.83 -7.12
CA LEU A 58 -11.06 24.22 -5.97
CA LEU A 58 -11.06 24.21 -5.96
C LEU A 58 -12.43 23.72 -6.39
C LEU A 58 -12.41 23.71 -6.43
N ASN A 59 -12.56 22.40 -6.49
CA ASN A 59 -13.71 21.79 -7.14
C ASN A 59 -14.65 21.01 -6.25
N ILE A 60 -15.92 21.41 -6.33
CA ILE A 60 -17.01 20.73 -5.69
C ILE A 60 -17.40 19.51 -6.55
N ASP A 61 -17.68 18.38 -5.90
CA ASP A 61 -18.13 17.17 -6.61
C ASP A 61 -19.57 16.85 -6.21
N ASP A 62 -19.93 15.58 -6.18
CA ASP A 62 -21.33 15.21 -5.99
C ASP A 62 -21.75 15.59 -4.56
N CYS A 63 -23.07 15.62 -4.38
CA CYS A 63 -23.72 15.73 -3.08
C CYS A 63 -23.82 17.18 -2.56
N TRP A 64 -23.68 18.17 -3.45
CA TRP A 64 -23.83 19.57 -3.08
C TRP A 64 -25.27 20.10 -3.25
N ILE A 65 -26.10 19.41 -4.04
CA ILE A 65 -27.34 19.97 -4.53
C ILE A 65 -28.45 19.76 -3.52
N GLY A 66 -29.26 20.80 -3.37
CA GLY A 66 -30.43 20.76 -2.48
C GLY A 66 -31.75 20.47 -3.13
N GLY A 67 -31.97 21.01 -4.32
CA GLY A 67 -33.21 20.77 -5.07
C GLY A 67 -33.23 21.78 -6.20
N ARG A 68 -34.39 21.94 -6.81
CA ARG A 68 -34.63 22.98 -7.79
C ARG A 68 -35.77 23.87 -7.28
N ASP A 69 -35.68 25.16 -7.56
CA ASP A 69 -36.71 26.09 -7.10
C ASP A 69 -37.90 26.12 -8.03
N ALA A 70 -38.88 27.02 -7.81
CA ALA A 70 -40.11 27.00 -8.57
C ALA A 70 -39.89 27.26 -10.06
N SER A 71 -38.78 27.89 -10.42
CA SER A 71 -38.42 28.13 -11.82
C SER A 71 -37.52 27.03 -12.42
N GLY A 72 -37.21 26.03 -11.63
CA GLY A 72 -36.36 24.92 -12.06
C GLY A 72 -34.89 25.19 -11.83
N ARG A 73 -34.58 26.23 -11.07
N ARG A 73 -34.56 26.26 -11.11
CA ARG A 73 -33.20 26.69 -10.86
CA ARG A 73 -33.16 26.66 -10.92
C ARG A 73 -32.51 25.83 -9.80
C ARG A 73 -32.52 25.82 -9.82
N LEU A 74 -31.32 25.33 -10.09
CA LEU A 74 -30.59 24.50 -9.13
C LEU A 74 -30.25 25.31 -7.91
N MET A 75 -30.35 24.67 -6.75
CA MET A 75 -29.97 25.24 -5.48
C MET A 75 -29.06 24.27 -4.73
N PRO A 76 -28.07 24.81 -4.01
CA PRO A 76 -27.30 23.96 -3.10
C PRO A 76 -28.11 23.58 -1.87
N ASP A 77 -27.65 22.57 -1.13
CA ASP A 77 -28.29 22.24 0.12
C ASP A 77 -28.18 23.42 1.09
N PRO A 78 -29.32 23.99 1.50
CA PRO A 78 -29.30 25.21 2.29
C PRO A 78 -28.67 25.06 3.69
N LYS A 79 -28.70 23.85 4.25
CA LYS A 79 -28.11 23.59 5.55
C LYS A 79 -26.57 23.54 5.48
N ARG A 80 -26.06 22.95 4.41
CA ARG A 80 -24.62 22.78 4.24
C ARG A 80 -23.95 23.87 3.45
N PHE A 81 -24.72 24.64 2.66
CA PHE A 81 -24.19 25.81 1.93
C PHE A 81 -25.07 27.01 2.20
N PRO A 82 -25.07 27.49 3.45
CA PRO A 82 -26.02 28.48 3.86
C PRO A 82 -25.97 29.77 3.06
N HIS A 83 -24.78 30.19 2.63
CA HIS A 83 -24.66 31.48 1.91
C HIS A 83 -24.81 31.32 0.40
N GLY A 84 -24.84 30.09 -0.08
CA GLY A 84 -25.03 29.83 -1.51
C GLY A 84 -23.74 29.81 -2.30
N ILE A 85 -23.84 29.44 -3.57
CA ILE A 85 -22.65 29.22 -4.39
C ILE A 85 -21.95 30.54 -4.81
N PRO A 86 -22.69 31.60 -5.18
CA PRO A 86 -22.03 32.86 -5.51
C PRO A 86 -21.07 33.34 -4.40
N PHE A 87 -21.50 33.19 -3.14
CA PHE A 87 -20.68 33.52 -1.98
C PHE A 87 -19.36 32.75 -2.02
N LEU A 88 -19.45 31.47 -2.29
CA LEU A 88 -18.27 30.61 -2.31
C LEU A 88 -17.37 30.94 -3.51
N ALA A 89 -17.96 31.15 -4.69
CA ALA A 89 -17.19 31.58 -5.87
C ALA A 89 -16.48 32.89 -5.60
N ASP A 90 -17.21 33.82 -5.02
CA ASP A 90 -16.65 35.12 -4.70
C ASP A 90 -15.57 34.99 -3.67
N TYR A 91 -15.74 34.13 -2.68
CA TYR A 91 -14.68 33.92 -1.69
C TYR A 91 -13.40 33.34 -2.33
N VAL A 92 -13.56 32.29 -3.12
CA VAL A 92 -12.44 31.62 -3.76
C VAL A 92 -11.72 32.58 -4.72
N HIS A 93 -12.47 33.37 -5.46
CA HIS A 93 -11.88 34.37 -6.36
C HIS A 93 -11.08 35.41 -5.59
N SER A 94 -11.57 35.78 -4.40
CA SER A 94 -10.85 36.78 -3.58
C SER A 94 -9.46 36.29 -3.17
N LEU A 95 -9.30 34.97 -3.14
CA LEU A 95 -8.02 34.32 -2.85
C LEU A 95 -7.17 33.93 -4.06
N GLY A 96 -7.55 34.37 -5.26
CA GLY A 96 -6.80 34.09 -6.48
C GLY A 96 -6.99 32.65 -6.97
N LEU A 97 -8.09 32.03 -6.56
CA LEU A 97 -8.43 30.68 -6.95
C LEU A 97 -9.65 30.66 -7.87
N LYS A 98 -9.90 29.48 -8.42
CA LYS A 98 -11.03 29.21 -9.31
C LYS A 98 -11.94 28.14 -8.73
N LEU A 99 -13.23 28.28 -8.97
CA LEU A 99 -14.20 27.35 -8.40
C LEU A 99 -14.77 26.40 -9.45
N GLY A 100 -14.65 25.09 -9.20
CA GLY A 100 -15.33 24.08 -10.03
C GLY A 100 -16.56 23.56 -9.36
N ILE A 101 -17.51 23.13 -10.20
CA ILE A 101 -18.74 22.53 -9.72
C ILE A 101 -19.01 21.26 -10.51
N TYR A 102 -20.09 20.58 -10.13
CA TYR A 102 -20.38 19.24 -10.59
C TYR A 102 -21.84 19.18 -10.95
N ALA A 103 -22.13 18.46 -12.03
CA ALA A 103 -23.50 18.14 -12.41
C ALA A 103 -23.48 16.77 -13.07
N ASP A 104 -24.65 16.22 -13.32
CA ASP A 104 -24.74 14.93 -13.98
C ASP A 104 -25.67 15.02 -15.17
N MET A 105 -25.15 14.57 -16.30
CA MET A 105 -25.92 14.48 -17.55
C MET A 105 -26.78 13.21 -17.46
N GLY A 106 -27.99 13.36 -16.93
CA GLY A 106 -28.85 12.23 -16.59
C GLY A 106 -29.93 12.66 -15.61
N ASN A 107 -30.79 11.72 -15.23
CA ASN A 107 -31.92 12.01 -14.34
C ASN A 107 -31.52 12.42 -12.93
N PHE A 108 -30.39 11.85 -12.49
CA PHE A 108 -29.89 12.06 -11.15
C PHE A 108 -28.37 12.06 -11.20
N THR A 109 -27.74 12.68 -10.21
CA THR A 109 -26.32 12.45 -10.03
C THR A 109 -26.12 10.99 -9.57
N CYS A 110 -24.89 10.51 -9.63
CA CYS A 110 -24.60 9.14 -9.22
C CYS A 110 -25.09 8.81 -7.79
N MET A 111 -25.04 9.80 -6.89
CA MET A 111 -25.47 9.61 -5.51
C MET A 111 -26.96 9.96 -5.31
N GLY A 112 -27.66 10.27 -6.40
CA GLY A 112 -29.12 10.42 -6.40
C GLY A 112 -29.65 11.83 -6.22
N TYR A 113 -28.77 12.81 -6.37
CA TYR A 113 -29.14 14.22 -6.31
C TYR A 113 -29.75 14.64 -7.65
N PRO A 114 -30.42 15.82 -7.71
CA PRO A 114 -31.08 16.21 -8.97
C PRO A 114 -30.15 16.24 -10.18
N GLY A 115 -30.57 15.60 -11.27
CA GLY A 115 -29.78 15.54 -12.48
C GLY A 115 -30.01 16.70 -13.42
N THR A 116 -29.06 16.85 -14.34
CA THR A 116 -29.16 17.81 -15.42
C THR A 116 -29.60 17.03 -16.64
N THR A 117 -30.92 16.90 -16.80
CA THR A 117 -31.50 16.27 -17.96
C THR A 117 -31.35 17.16 -19.18
N LEU A 118 -31.64 16.63 -20.36
CA LEU A 118 -31.44 17.42 -21.57
C LEU A 118 -32.19 18.75 -21.49
N ASP A 119 -33.40 18.72 -20.93
CA ASP A 119 -34.21 19.94 -20.85
C ASP A 119 -33.73 20.95 -19.79
N LYS A 120 -32.70 20.59 -19.01
CA LYS A 120 -32.09 21.47 -18.01
C LYS A 120 -30.69 21.92 -18.34
N VAL A 121 -30.11 21.39 -19.40
CA VAL A 121 -28.73 21.68 -19.74
C VAL A 121 -28.49 23.17 -19.87
N VAL A 122 -29.32 23.86 -20.64
CA VAL A 122 -29.09 25.27 -20.87
C VAL A 122 -29.26 26.08 -19.57
N GLN A 123 -30.36 25.86 -18.87
CA GLN A 123 -30.64 26.57 -17.63
C GLN A 123 -29.51 26.39 -16.61
N ASP A 124 -29.00 25.16 -16.51
CA ASP A 124 -27.95 24.87 -15.52
C ASP A 124 -26.65 25.54 -15.94
N ALA A 125 -26.29 25.48 -17.23
CA ALA A 125 -25.12 26.22 -17.73
C ALA A 125 -25.24 27.70 -17.40
N GLN A 126 -26.42 28.28 -17.62
CA GLN A 126 -26.64 29.71 -17.35
C GLN A 126 -26.51 30.02 -15.85
N THR A 127 -27.04 29.14 -15.02
CA THR A 127 -26.93 29.28 -13.57
C THR A 127 -25.48 29.25 -13.14
N PHE A 128 -24.71 28.26 -13.62
CA PHE A 128 -23.29 28.15 -13.26
C PHE A 128 -22.51 29.39 -13.69
N ALA A 129 -22.77 29.91 -14.88
CA ALA A 129 -22.10 31.15 -15.33
C ALA A 129 -22.46 32.36 -14.46
N GLU A 130 -23.75 32.46 -14.12
CA GLU A 130 -24.25 33.54 -13.29
C GLU A 130 -23.61 33.50 -11.92
N TRP A 131 -23.39 32.29 -11.41
CA TRP A 131 -22.68 32.09 -10.14
C TRP A 131 -21.16 32.37 -10.18
N LYS A 132 -20.63 32.49 -11.40
CA LYS A 132 -19.22 32.75 -11.68
C LYS A 132 -18.32 31.53 -11.38
N VAL A 133 -18.86 30.35 -11.62
N VAL A 133 -18.83 30.33 -11.59
CA VAL A 133 -18.10 29.10 -11.62
CA VAL A 133 -18.00 29.14 -11.52
C VAL A 133 -17.06 29.16 -12.76
C VAL A 133 -17.06 29.15 -12.72
N ASP A 134 -15.96 28.41 -12.58
CA ASP A 134 -14.86 28.42 -13.54
C ASP A 134 -14.62 27.09 -14.22
N MET A 135 -15.26 26.02 -13.71
CA MET A 135 -15.05 24.67 -14.21
C MET A 135 -16.30 23.88 -13.87
N LEU A 136 -16.66 22.96 -14.78
CA LEU A 136 -17.78 22.04 -14.59
C LEU A 136 -17.31 20.62 -14.93
N LYS A 137 -17.53 19.71 -13.98
CA LYS A 137 -17.37 18.29 -14.21
C LYS A 137 -18.77 17.75 -14.44
N LEU A 138 -19.01 17.14 -15.60
CA LEU A 138 -20.31 16.61 -15.95
C LEU A 138 -20.27 15.08 -15.98
N ASP A 139 -20.81 14.52 -14.91
CA ASP A 139 -20.85 13.07 -14.69
C ASP A 139 -21.95 12.46 -15.60
N GLY A 140 -21.96 11.14 -15.72
CA GLY A 140 -22.83 10.47 -16.68
C GLY A 140 -23.73 9.38 -16.17
N CYS A 141 -24.03 9.34 -14.87
CA CYS A 141 -24.99 8.37 -14.37
C CYS A 141 -26.42 8.67 -14.81
N PHE A 142 -27.22 7.60 -14.82
CA PHE A 142 -28.65 7.74 -15.00
C PHE A 142 -29.03 8.37 -16.34
N SER A 143 -28.28 7.99 -17.38
CA SER A 143 -28.59 8.41 -18.74
C SER A 143 -28.37 7.28 -19.71
N THR A 144 -28.89 7.47 -20.91
CA THR A 144 -28.70 6.52 -22.00
C THR A 144 -27.54 7.01 -22.86
N PRO A 145 -26.94 6.10 -23.65
CA PRO A 145 -25.88 6.54 -24.56
C PRO A 145 -26.34 7.67 -25.49
N GLU A 146 -27.59 7.59 -25.95
CA GLU A 146 -28.16 8.60 -26.85
C GLU A 146 -28.32 9.94 -26.16
N GLU A 147 -28.71 9.92 -24.89
CA GLU A 147 -28.77 11.15 -24.09
C GLU A 147 -27.40 11.80 -23.90
N ARG A 148 -26.40 10.98 -23.60
CA ARG A 148 -25.04 11.47 -23.45
C ARG A 148 -24.54 12.05 -24.78
N ALA A 149 -24.85 11.40 -25.89
CA ALA A 149 -24.38 11.85 -27.19
C ALA A 149 -24.96 13.22 -27.56
N GLN A 150 -26.21 13.46 -27.16
CA GLN A 150 -26.82 14.78 -27.33
C GLN A 150 -26.33 15.77 -26.30
N GLY A 151 -26.28 15.30 -25.04
CA GLY A 151 -26.08 16.17 -23.89
C GLY A 151 -24.71 16.79 -23.70
N TYR A 152 -23.65 16.02 -23.95
CA TYR A 152 -22.30 16.56 -23.76
C TYR A 152 -22.00 17.70 -24.75
N PRO A 153 -22.29 17.50 -26.07
CA PRO A 153 -22.15 18.66 -26.97
C PRO A 153 -23.08 19.83 -26.63
N LYS A 154 -24.31 19.51 -26.22
CA LYS A 154 -25.27 20.54 -25.84
C LYS A 154 -24.75 21.40 -24.70
N MET A 155 -24.13 20.76 -23.70
CA MET A 155 -23.56 21.48 -22.56
C MET A 155 -22.37 22.32 -22.98
N ALA A 156 -21.49 21.79 -23.83
CA ALA A 156 -20.37 22.58 -24.32
C ALA A 156 -20.89 23.86 -25.01
N ALA A 157 -21.91 23.70 -25.85
CA ALA A 157 -22.47 24.84 -26.56
C ALA A 157 -23.13 25.83 -25.59
N ALA A 158 -23.84 25.30 -24.61
CA ALA A 158 -24.53 26.15 -23.62
C ALA A 158 -23.56 26.95 -22.76
N LEU A 159 -22.46 26.32 -22.33
CA LEU A 159 -21.43 27.02 -21.55
C LEU A 159 -20.84 28.13 -22.40
N ASN A 160 -20.51 27.81 -23.64
CA ASN A 160 -19.98 28.81 -24.53
C ASN A 160 -20.91 30.02 -24.68
N ALA A 161 -22.20 29.74 -24.84
CA ALA A 161 -23.20 30.79 -25.06
C ALA A 161 -23.34 31.77 -23.88
N THR A 162 -22.95 31.34 -22.68
CA THR A 162 -23.04 32.23 -21.50
C THR A 162 -22.05 33.37 -21.58
N GLY A 163 -21.00 33.18 -22.37
CA GLY A 163 -19.93 34.14 -22.47
C GLY A 163 -18.85 34.02 -21.40
N ARG A 164 -19.05 33.19 -20.38
CA ARG A 164 -18.03 33.02 -19.34
C ARG A 164 -17.17 31.80 -19.70
N PRO A 165 -15.83 31.95 -19.69
CA PRO A 165 -14.97 30.78 -19.87
C PRO A 165 -15.17 29.82 -18.69
N ILE A 166 -15.64 28.61 -19.00
CA ILE A 166 -15.81 27.56 -18.01
C ILE A 166 -15.13 26.29 -18.51
N ALA A 167 -14.06 25.87 -17.82
CA ALA A 167 -13.35 24.65 -18.22
C ALA A 167 -14.31 23.47 -18.12
N PHE A 168 -14.30 22.58 -19.11
CA PHE A 168 -15.31 21.52 -19.20
C PHE A 168 -14.67 20.15 -19.09
N SER A 169 -14.98 19.45 -18.00
CA SER A 169 -14.49 18.12 -17.70
C SER A 169 -15.62 17.12 -17.94
N CYS A 170 -15.40 16.22 -18.89
CA CYS A 170 -16.47 15.34 -19.39
C CYS A 170 -16.24 13.87 -19.02
N SER A 171 -17.20 13.29 -18.33
CA SER A 171 -17.09 11.87 -17.94
C SER A 171 -17.61 10.91 -19.02
N TRP A 172 -18.15 11.46 -20.10
CA TRP A 172 -18.77 10.68 -21.16
C TRP A 172 -18.03 9.39 -21.51
N PRO A 173 -16.73 9.45 -21.87
CA PRO A 173 -16.11 8.18 -22.32
C PRO A 173 -16.06 7.07 -21.27
N ALA A 174 -15.94 7.45 -19.99
CA ALA A 174 -15.90 6.42 -18.94
C ALA A 174 -17.17 5.59 -18.84
N TYR A 175 -18.28 6.16 -19.28
CA TYR A 175 -19.57 5.46 -19.28
C TYR A 175 -19.81 4.63 -20.53
N GLU A 176 -18.90 4.75 -21.49
CA GLU A 176 -19.02 4.06 -22.79
C GLU A 176 -17.84 3.15 -23.04
N GLY A 177 -17.07 2.79 -22.00
CA GLY A 177 -15.95 1.86 -22.16
C GLY A 177 -14.61 2.45 -22.53
N GLY A 178 -14.59 3.75 -22.80
CA GLY A 178 -13.34 4.47 -22.95
C GLY A 178 -12.61 4.30 -24.27
N LEU A 179 -13.16 3.48 -25.16
CA LEU A 179 -12.43 3.08 -26.37
C LEU A 179 -13.27 3.20 -27.66
N PRO A 180 -12.59 3.38 -28.80
CA PRO A 180 -13.26 3.17 -30.08
C PRO A 180 -13.81 1.74 -30.16
N PRO A 181 -14.89 1.52 -30.92
CA PRO A 181 -15.58 2.50 -31.75
C PRO A 181 -16.59 3.36 -31.01
N ARG A 182 -16.92 3.01 -29.76
CA ARG A 182 -17.98 3.72 -29.06
C ARG A 182 -17.59 5.15 -28.67
N VAL A 183 -16.32 5.34 -28.34
CA VAL A 183 -15.77 6.64 -28.00
C VAL A 183 -15.03 7.21 -29.21
N GLN A 184 -15.38 8.45 -29.55
CA GLN A 184 -14.76 9.19 -30.62
C GLN A 184 -13.92 10.29 -30.01
N TYR A 185 -12.61 10.08 -29.98
CA TYR A 185 -11.73 11.01 -29.29
C TYR A 185 -11.56 12.35 -30.03
N SER A 186 -11.68 12.36 -31.35
CA SER A 186 -11.63 13.63 -32.08
C SER A 186 -12.82 14.51 -31.69
N LEU A 187 -13.99 13.88 -31.54
CA LEU A 187 -15.18 14.58 -31.07
C LEU A 187 -14.98 15.12 -29.64
N LEU A 188 -14.50 14.27 -28.73
CA LEU A 188 -14.28 14.69 -27.35
C LEU A 188 -13.34 15.87 -27.29
N ALA A 189 -12.26 15.84 -28.05
CA ALA A 189 -11.32 16.95 -28.04
C ALA A 189 -11.96 18.27 -28.45
N ASP A 190 -12.93 18.22 -29.36
CA ASP A 190 -13.61 19.41 -29.85
C ASP A 190 -14.59 19.99 -28.85
N ILE A 191 -15.17 19.14 -27.99
CA ILE A 191 -16.19 19.62 -27.06
C ILE A 191 -15.79 19.70 -25.59
N CYS A 192 -14.67 19.06 -25.20
CA CYS A 192 -14.24 18.99 -23.79
C CYS A 192 -12.82 19.46 -23.60
N ASN A 193 -12.53 20.06 -22.44
CA ASN A 193 -11.14 20.39 -22.10
C ASN A 193 -10.39 19.20 -21.48
N LEU A 194 -11.13 18.25 -20.95
CA LEU A 194 -10.55 17.02 -20.38
C LEU A 194 -11.66 16.03 -20.20
N TRP A 195 -11.31 14.76 -20.14
CA TRP A 195 -12.32 13.72 -20.02
C TRP A 195 -11.82 12.57 -19.16
N ARG A 196 -12.72 12.05 -18.33
CA ARG A 196 -12.45 10.83 -17.58
C ARG A 196 -12.67 9.64 -18.48
N ASN A 197 -11.57 8.97 -18.81
CA ASN A 197 -11.55 7.84 -19.75
C ASN A 197 -12.02 6.53 -19.11
N TYR A 198 -11.79 6.40 -17.82
CA TYR A 198 -11.75 5.08 -17.18
C TYR A 198 -12.31 5.11 -15.74
N ASP A 199 -12.11 4.01 -15.02
CA ASP A 199 -12.67 3.77 -13.71
C ASP A 199 -12.22 4.79 -12.67
N ASP A 200 -13.11 5.02 -11.70
CA ASP A 200 -12.82 5.86 -10.56
C ASP A 200 -11.59 5.32 -9.84
N ILE A 201 -10.68 6.21 -9.49
CA ILE A 201 -9.60 5.83 -8.62
C ILE A 201 -10.10 5.61 -7.20
N GLN A 202 -9.51 4.62 -6.54
CA GLN A 202 -9.73 4.36 -5.13
C GLN A 202 -8.39 4.48 -4.40
N ASP A 203 -8.43 4.54 -3.07
CA ASP A 203 -7.21 4.81 -2.26
C ASP A 203 -6.44 3.49 -2.05
N SER A 204 -5.86 3.02 -3.14
CA SER A 204 -5.07 1.81 -3.12
C SER A 204 -4.09 1.81 -4.27
N TRP A 205 -2.99 1.12 -4.04
CA TRP A 205 -1.98 0.95 -5.10
C TRP A 205 -2.52 0.08 -6.23
N TRP A 206 -3.31 -0.93 -5.88
CA TRP A 206 -3.94 -1.76 -6.91
C TRP A 206 -4.75 -0.87 -7.87
N SER A 207 -5.42 0.13 -7.33
CA SER A 207 -6.18 1.05 -8.16
C SER A 207 -5.30 1.85 -9.11
N VAL A 208 -4.23 2.45 -8.60
CA VAL A 208 -3.30 3.17 -9.44
C VAL A 208 -2.76 2.26 -10.56
N LEU A 209 -2.35 1.04 -10.20
CA LEU A 209 -1.83 0.11 -11.20
C LEU A 209 -2.87 -0.27 -12.27
N SER A 210 -4.11 -0.46 -11.84
N SER A 210 -4.11 -0.45 -11.85
CA SER A 210 -5.22 -0.78 -12.76
CA SER A 210 -5.17 -0.80 -12.79
C SER A 210 -5.39 0.32 -13.81
C SER A 210 -5.37 0.31 -13.82
N ILE A 211 -5.36 1.54 -13.34
CA ILE A 211 -5.49 2.72 -14.22
C ILE A 211 -4.27 2.86 -15.12
N LEU A 212 -3.08 2.78 -14.54
N LEU A 212 -3.06 2.79 -14.55
CA LEU A 212 -1.85 2.88 -15.31
CA LEU A 212 -1.85 2.85 -15.36
C LEU A 212 -1.78 1.81 -16.39
C LEU A 212 -1.87 1.81 -16.44
N ASN A 213 -2.21 0.58 -16.06
CA ASN A 213 -2.25 -0.54 -17.01
C ASN A 213 -3.17 -0.28 -18.19
N TRP A 214 -4.36 0.25 -17.90
CA TRP A 214 -5.33 0.50 -18.96
C TRP A 214 -4.81 1.60 -19.87
N PHE A 215 -4.28 2.67 -19.27
CA PHE A 215 -3.67 3.75 -20.07
C PHE A 215 -2.50 3.28 -20.94
N VAL A 216 -1.66 2.40 -20.41
CA VAL A 216 -0.52 1.92 -21.19
C VAL A 216 -0.96 0.94 -22.27
N GLU A 217 -1.89 0.05 -21.95
CA GLU A 217 -2.43 -0.90 -22.93
C GLU A 217 -3.01 -0.17 -24.14
N HIS A 218 -3.58 1.01 -23.91
CA HIS A 218 -4.26 1.75 -24.97
C HIS A 218 -3.57 3.04 -25.36
N GLN A 219 -2.28 3.16 -25.05
CA GLN A 219 -1.57 4.41 -25.29
C GLN A 219 -1.46 4.78 -26.78
N ASP A 220 -1.43 3.80 -27.70
CA ASP A 220 -1.42 4.15 -29.11
C ASP A 220 -2.66 4.99 -29.51
N ILE A 221 -3.80 4.75 -28.84
CA ILE A 221 -5.02 5.52 -29.10
C ILE A 221 -5.05 6.81 -28.26
N LEU A 222 -4.64 6.71 -26.99
CA LEU A 222 -4.85 7.81 -26.04
C LEU A 222 -3.76 8.88 -26.13
N GLN A 223 -2.52 8.47 -26.39
CA GLN A 223 -1.43 9.44 -26.38
C GLN A 223 -1.60 10.58 -27.39
N PRO A 224 -1.98 10.26 -28.65
CA PRO A 224 -2.05 11.32 -29.65
C PRO A 224 -3.14 12.34 -29.45
N VAL A 225 -4.21 11.98 -28.73
CA VAL A 225 -5.37 12.85 -28.62
C VAL A 225 -5.21 13.96 -27.58
N ALA A 226 -4.26 13.79 -26.65
CA ALA A 226 -4.00 14.80 -25.64
C ALA A 226 -3.18 15.97 -26.16
N GLY A 227 -3.52 17.17 -25.72
CA GLY A 227 -2.71 18.34 -26.01
C GLY A 227 -3.35 19.55 -25.38
N PRO A 228 -2.72 20.72 -25.56
CA PRO A 228 -3.22 21.97 -25.00
C PRO A 228 -4.71 22.13 -25.25
N GLY A 229 -5.46 22.28 -24.17
CA GLY A 229 -6.91 22.45 -24.22
C GLY A 229 -7.75 21.20 -24.26
N HIS A 230 -7.12 20.03 -24.30
CA HIS A 230 -7.86 18.78 -24.38
C HIS A 230 -7.04 17.59 -23.85
N TRP A 231 -7.29 17.23 -22.59
CA TRP A 231 -6.48 16.24 -21.86
C TRP A 231 -7.20 14.93 -21.55
N ASN A 232 -6.43 13.84 -21.53
CA ASN A 232 -6.91 12.62 -20.89
C ASN A 232 -6.83 12.82 -19.37
N ASP A 233 -7.75 12.21 -18.64
CA ASP A 233 -7.83 12.38 -17.18
C ASP A 233 -7.92 11.00 -16.53
N PRO A 234 -6.79 10.50 -16.00
CA PRO A 234 -6.75 9.22 -15.28
C PRO A 234 -7.24 9.28 -13.82
N ASP A 235 -7.75 10.45 -13.43
CA ASP A 235 -8.45 10.69 -12.16
C ASP A 235 -7.50 11.24 -11.12
N MET A 236 -8.02 11.45 -9.92
CA MET A 236 -7.36 12.26 -8.89
C MET A 236 -6.09 11.63 -8.35
N LEU A 237 -5.23 12.52 -7.86
CA LEU A 237 -4.05 12.10 -7.10
C LEU A 237 -4.47 11.60 -5.71
N LEU A 238 -3.84 10.54 -5.24
CA LEU A 238 -4.10 9.95 -3.93
C LEU A 238 -3.12 10.41 -2.83
N ILE A 239 -2.12 11.20 -3.21
CA ILE A 239 -1.04 11.63 -2.35
C ILE A 239 -1.63 12.44 -1.18
N GLY A 240 -1.25 12.04 0.03
CA GLY A 240 -1.77 12.63 1.26
C GLY A 240 -2.76 11.77 2.01
N ASN A 241 -3.25 10.71 1.39
CA ASN A 241 -4.29 9.87 1.99
C ASN A 241 -3.73 8.60 2.64
N PHE A 242 -4.41 7.46 2.50
CA PHE A 242 -4.16 6.32 3.39
C PHE A 242 -3.54 5.09 2.72
N GLY A 243 -3.81 4.91 1.42
CA GLY A 243 -3.52 3.67 0.73
C GLY A 243 -2.13 3.56 0.11
N LEU A 244 -1.52 4.69 -0.23
CA LEU A 244 -0.20 4.66 -0.87
C LEU A 244 0.95 4.85 0.11
N SER A 245 1.96 4.00 -0.05
CA SER A 245 3.22 4.21 0.64
C SER A 245 3.93 5.42 0.05
N LEU A 246 5.04 5.80 0.68
CA LEU A 246 5.89 6.90 0.20
C LEU A 246 6.38 6.64 -1.24
N GLU A 247 6.92 5.46 -1.51
CA GLU A 247 7.37 5.14 -2.86
C GLU A 247 6.22 5.22 -3.87
N GLN A 248 5.06 4.70 -3.49
CA GLN A 248 3.90 4.71 -4.35
C GLN A 248 3.37 6.12 -4.62
N SER A 249 3.41 6.97 -3.60
CA SER A 249 2.98 8.38 -3.73
C SER A 249 3.88 9.11 -4.73
N ARG A 250 5.18 8.93 -4.57
CA ARG A 250 6.12 9.52 -5.50
C ARG A 250 5.93 8.97 -6.91
N ALA A 251 5.57 7.68 -7.02
CA ALA A 251 5.35 7.06 -8.32
C ALA A 251 4.12 7.65 -9.00
N GLN A 252 3.03 7.80 -8.26
CA GLN A 252 1.82 8.34 -8.88
C GLN A 252 2.09 9.75 -9.41
N MET A 253 2.76 10.58 -8.63
CA MET A 253 3.02 11.94 -9.07
C MET A 253 3.84 11.95 -10.36
N ALA A 254 4.89 11.13 -10.38
CA ALA A 254 5.78 11.06 -11.55
C ALA A 254 5.06 10.54 -12.78
N LEU A 255 4.24 9.51 -12.61
CA LEU A 255 3.57 8.87 -13.74
C LEU A 255 2.44 9.74 -14.27
N TRP A 256 1.69 10.38 -13.39
CA TRP A 256 0.67 11.32 -13.84
C TRP A 256 1.31 12.46 -14.61
N THR A 257 2.47 12.90 -14.13
CA THR A 257 3.22 13.99 -14.79
C THR A 257 3.65 13.57 -16.20
N VAL A 258 4.19 12.36 -16.32
CA VAL A 258 4.68 11.88 -17.62
C VAL A 258 3.49 11.67 -18.57
N LEU A 259 2.31 11.43 -18.01
CA LEU A 259 1.09 11.24 -18.80
C LEU A 259 0.35 12.56 -19.13
N ALA A 260 0.92 13.72 -18.77
CA ALA A 260 0.27 14.99 -19.01
C ALA A 260 -1.16 14.96 -18.42
N ALA A 261 -1.26 14.37 -17.23
CA ALA A 261 -2.52 14.32 -16.51
C ALA A 261 -2.82 15.60 -15.73
N PRO A 262 -4.11 15.88 -15.47
CA PRO A 262 -4.48 16.84 -14.43
C PRO A 262 -3.77 16.48 -13.13
N LEU A 263 -3.35 17.49 -12.38
CA LEU A 263 -2.87 17.28 -11.00
C LEU A 263 -3.97 17.80 -10.06
N LEU A 264 -5.00 16.96 -9.91
CA LEU A 264 -6.14 17.30 -9.07
C LEU A 264 -6.03 16.48 -7.80
N MET A 265 -5.57 17.13 -6.74
CA MET A 265 -5.43 16.52 -5.43
C MET A 265 -6.81 16.24 -4.88
N SER A 266 -6.89 15.34 -3.91
CA SER A 266 -8.11 15.14 -3.15
C SER A 266 -7.71 14.53 -1.83
N THR A 267 -7.42 15.42 -0.89
CA THR A 267 -6.80 15.03 0.35
C THR A 267 -7.07 16.11 1.38
N ASP A 268 -6.89 15.80 2.65
CA ASP A 268 -7.07 16.84 3.68
C ASP A 268 -5.88 17.78 3.77
N LEU A 269 -5.99 18.94 3.12
CA LEU A 269 -4.90 19.91 3.12
C LEU A 269 -4.68 20.49 4.51
N ARG A 270 -5.62 20.31 5.43
CA ARG A 270 -5.45 20.86 6.78
C ARG A 270 -4.44 20.07 7.60
N THR A 271 -4.23 18.80 7.23
CA THR A 271 -3.39 17.90 8.01
C THR A 271 -2.27 17.23 7.19
N ILE A 272 -2.13 17.61 5.92
CA ILE A 272 -1.20 16.93 5.01
C ILE A 272 0.21 16.95 5.57
N SER A 273 0.91 15.83 5.48
CA SER A 273 2.28 15.74 5.99
C SER A 273 3.23 16.57 5.15
N ALA A 274 4.33 16.99 5.77
CA ALA A 274 5.44 17.66 5.08
C ALA A 274 5.95 16.83 3.90
N GLN A 275 6.10 15.52 4.12
CA GLN A 275 6.62 14.63 3.08
C GLN A 275 5.71 14.61 1.87
N ASN A 276 4.40 14.54 2.11
CA ASN A 276 3.47 14.55 0.99
C ASN A 276 3.37 15.91 0.32
N MET A 277 3.39 16.98 1.11
N MET A 277 3.40 16.99 1.10
CA MET A 277 3.45 18.32 0.54
CA MET A 277 3.42 18.33 0.50
C MET A 277 4.64 18.46 -0.41
C MET A 277 4.65 18.52 -0.38
N ASP A 278 5.78 17.94 0.02
CA ASP A 278 7.02 18.05 -0.75
C ASP A 278 6.93 17.36 -2.11
N ILE A 279 6.15 16.28 -2.20
CA ILE A 279 5.92 15.57 -3.46
C ILE A 279 5.07 16.44 -4.39
N LEU A 280 3.97 16.94 -3.84
CA LEU A 280 2.98 17.66 -4.64
C LEU A 280 3.46 19.04 -5.06
N GLN A 281 4.37 19.63 -4.27
CA GLN A 281 4.87 20.99 -4.54
C GLN A 281 6.25 20.99 -5.19
N ASN A 282 6.69 19.85 -5.68
CA ASN A 282 7.99 19.71 -6.31
C ASN A 282 8.05 20.61 -7.56
N PRO A 283 8.92 21.65 -7.55
CA PRO A 283 8.77 22.64 -8.63
C PRO A 283 9.07 22.07 -10.03
N LEU A 284 10.11 21.25 -10.13
CA LEU A 284 10.53 20.68 -11.42
C LEU A 284 9.46 19.71 -11.92
N MET A 285 8.89 18.94 -11.01
CA MET A 285 7.80 18.05 -11.39
C MET A 285 6.66 18.82 -12.01
N ILE A 286 6.29 19.91 -11.37
CA ILE A 286 5.19 20.73 -11.85
C ILE A 286 5.54 21.36 -13.19
N LYS A 287 6.76 21.86 -13.33
CA LYS A 287 7.23 22.42 -14.60
C LYS A 287 7.06 21.39 -15.72
N ILE A 288 7.43 20.16 -15.44
CA ILE A 288 7.29 19.09 -16.43
C ILE A 288 5.80 18.83 -16.73
N ASN A 289 4.96 18.68 -15.71
CA ASN A 289 3.53 18.46 -15.95
C ASN A 289 2.95 19.57 -16.82
N GLN A 290 3.37 20.80 -16.55
CA GLN A 290 2.84 22.01 -17.18
C GLN A 290 3.59 22.40 -18.44
N ASP A 291 4.37 21.48 -19.00
CA ASP A 291 5.19 21.82 -20.19
C ASP A 291 4.31 22.38 -21.31
N PRO A 292 4.70 23.50 -21.91
CA PRO A 292 3.78 24.12 -22.87
C PRO A 292 3.44 23.30 -24.13
N LEU A 293 4.27 22.35 -24.52
CA LEU A 293 3.95 21.56 -25.72
C LEU A 293 2.78 20.63 -25.46
N GLY A 294 2.56 20.27 -24.20
CA GLY A 294 1.41 19.42 -23.86
C GLY A 294 1.37 18.08 -24.56
N ILE A 295 2.54 17.46 -24.73
CA ILE A 295 2.67 16.16 -25.38
C ILE A 295 2.65 15.07 -24.31
N GLN A 296 1.62 14.24 -24.34
CA GLN A 296 1.50 13.13 -23.40
C GLN A 296 2.62 12.13 -23.65
N GLY A 297 3.23 11.65 -22.58
CA GLY A 297 4.23 10.59 -22.69
C GLY A 297 3.68 9.20 -22.96
N ARG A 298 4.59 8.23 -23.04
N ARG A 298 4.62 8.25 -23.01
CA ARG A 298 4.22 6.83 -23.24
CA ARG A 298 4.36 6.85 -23.36
C ARG A 298 5.25 5.95 -22.56
C ARG A 298 5.25 5.96 -22.50
N ARG A 299 4.85 4.72 -22.29
CA ARG A 299 5.80 3.69 -21.85
C ARG A 299 6.61 3.32 -23.09
N ILE A 300 7.94 3.44 -23.01
CA ILE A 300 8.80 3.10 -24.13
C ILE A 300 9.54 1.77 -23.98
N HIS A 301 9.67 1.26 -22.76
CA HIS A 301 10.35 -0.01 -22.51
C HIS A 301 9.73 -0.74 -21.34
N LYS A 302 9.65 -2.08 -21.44
CA LYS A 302 9.22 -2.94 -20.35
C LYS A 302 10.16 -4.14 -20.35
N GLU A 303 10.83 -4.39 -19.23
CA GLU A 303 11.89 -5.40 -19.17
C GLU A 303 11.43 -6.59 -18.35
N LYS A 304 12.00 -7.76 -18.63
CA LYS A 304 11.75 -8.96 -17.80
C LYS A 304 12.06 -8.74 -16.31
N SER A 305 12.95 -7.80 -15.99
CA SER A 305 13.25 -7.44 -14.60
C SER A 305 12.08 -6.72 -13.92
N LEU A 306 11.02 -6.44 -14.68
CA LEU A 306 9.82 -5.71 -14.24
C LEU A 306 10.08 -4.20 -14.03
N ILE A 307 11.17 -3.70 -14.60
CA ILE A 307 11.39 -2.27 -14.69
C ILE A 307 10.74 -1.76 -15.98
N GLU A 308 9.98 -0.69 -15.88
CA GLU A 308 9.37 -0.03 -17.03
C GLU A 308 9.96 1.35 -17.17
N VAL A 309 10.07 1.84 -18.40
CA VAL A 309 10.59 3.17 -18.65
C VAL A 309 9.54 3.93 -19.44
N TYR A 310 9.20 5.11 -18.93
CA TYR A 310 8.32 6.06 -19.59
C TYR A 310 9.12 7.26 -20.05
N MET A 311 8.70 7.87 -21.15
CA MET A 311 9.35 9.06 -21.67
C MET A 311 8.30 10.07 -22.10
N ARG A 312 8.50 11.33 -21.70
CA ARG A 312 7.66 12.43 -22.19
C ARG A 312 8.52 13.49 -22.87
N PRO A 313 8.18 13.85 -24.13
CA PRO A 313 8.91 14.94 -24.80
C PRO A 313 8.51 16.30 -24.23
N LEU A 314 9.47 17.20 -24.10
CA LEU A 314 9.25 18.49 -23.48
C LEU A 314 9.80 19.61 -24.36
N SER A 315 9.53 20.85 -23.96
N SER A 315 9.56 20.84 -23.92
CA SER A 315 9.99 22.00 -24.72
CA SER A 315 10.04 22.04 -24.59
C SER A 315 11.51 22.17 -24.62
C SER A 315 11.56 22.11 -24.63
N ASN A 316 12.08 22.86 -25.59
CA ASN A 316 13.52 23.16 -25.62
C ASN A 316 14.38 21.90 -25.69
N LYS A 317 13.89 20.91 -26.45
CA LYS A 317 14.60 19.67 -26.72
C LYS A 317 14.80 18.77 -25.50
N ALA A 318 14.13 19.10 -24.40
CA ALA A 318 14.22 18.34 -23.16
C ALA A 318 13.24 17.15 -23.15
N SER A 319 13.45 16.25 -22.20
CA SER A 319 12.63 15.05 -22.03
C SER A 319 12.50 14.75 -20.56
N ALA A 320 11.42 14.05 -20.19
CA ALA A 320 11.28 13.42 -18.90
C ALA A 320 11.38 11.90 -19.05
N LEU A 321 12.17 11.28 -18.20
CA LEU A 321 12.21 9.81 -18.11
C LEU A 321 11.72 9.40 -16.73
N VAL A 322 10.84 8.40 -16.70
CA VAL A 322 10.46 7.75 -15.45
C VAL A 322 10.85 6.27 -15.52
N PHE A 323 11.75 5.87 -14.62
CA PHE A 323 12.13 4.49 -14.43
C PHE A 323 11.26 3.97 -13.29
N PHE A 324 10.39 3.01 -13.59
CA PHE A 324 9.38 2.54 -12.64
C PHE A 324 9.56 1.06 -12.34
N SER A 325 9.69 0.74 -11.06
CA SER A 325 9.84 -0.65 -10.65
C SER A 325 8.50 -1.26 -10.24
N CYS A 326 8.07 -2.24 -11.03
N CYS A 326 8.01 -2.23 -11.00
CA CYS A 326 6.93 -3.08 -10.71
CA CYS A 326 6.88 -3.03 -10.55
C CYS A 326 7.32 -4.26 -9.80
C CYS A 326 7.35 -4.32 -9.86
N ARG A 327 8.59 -4.32 -9.38
CA ARG A 327 9.07 -5.39 -8.51
C ARG A 327 8.45 -5.22 -7.13
N THR A 328 8.38 -6.33 -6.39
CA THR A 328 7.88 -6.32 -5.02
C THR A 328 8.86 -6.98 -4.05
N ASP A 329 10.16 -6.83 -4.33
CA ASP A 329 11.20 -7.43 -3.47
C ASP A 329 12.07 -6.39 -2.75
N MET A 330 12.93 -5.70 -3.49
CA MET A 330 13.93 -4.82 -2.87
C MET A 330 14.44 -3.86 -3.91
N PRO A 331 15.30 -2.91 -3.49
CA PRO A 331 15.81 -1.98 -4.49
C PRO A 331 16.50 -2.70 -5.63
N TYR A 332 16.40 -2.15 -6.83
CA TYR A 332 16.93 -2.76 -8.02
C TYR A 332 17.86 -1.77 -8.71
N ARG A 333 19.04 -2.27 -9.07
CA ARG A 333 20.03 -1.46 -9.79
C ARG A 333 19.81 -1.67 -11.27
N TYR A 334 19.15 -0.70 -11.89
CA TYR A 334 18.79 -0.75 -13.30
C TYR A 334 19.92 -0.15 -14.13
N HIS A 335 20.47 -0.96 -15.03
CA HIS A 335 21.59 -0.53 -15.88
C HIS A 335 21.06 -0.25 -17.27
N SER A 336 21.32 0.95 -17.79
CA SER A 336 20.89 1.28 -19.14
C SER A 336 21.82 2.31 -19.77
N SER A 337 21.38 2.84 -20.90
CA SER A 337 22.04 3.96 -21.55
C SER A 337 20.99 4.68 -22.38
N LEU A 338 21.23 5.95 -22.70
CA LEU A 338 20.27 6.70 -23.50
C LEU A 338 20.10 6.08 -24.88
N GLY A 339 21.18 5.53 -25.45
CA GLY A 339 21.07 4.80 -26.71
C GLY A 339 20.09 3.63 -26.69
N GLN A 340 20.05 2.91 -25.58
CA GLN A 340 19.12 1.79 -25.42
C GLN A 340 17.67 2.26 -25.23
N LEU A 341 17.51 3.54 -24.90
CA LEU A 341 16.20 4.15 -24.72
C LEU A 341 15.84 5.07 -25.91
N ASN A 342 16.45 4.80 -27.06
CA ASN A 342 16.06 5.38 -28.35
C ASN A 342 16.36 6.86 -28.50
N PHE A 343 17.33 7.36 -27.72
CA PHE A 343 17.93 8.63 -27.97
C PHE A 343 19.00 8.32 -29.01
N THR A 344 18.98 9.04 -30.12
CA THR A 344 19.90 8.77 -31.23
C THR A 344 20.67 10.05 -31.57
N GLY A 345 21.72 9.92 -32.37
CA GLY A 345 22.55 11.06 -32.75
C GLY A 345 23.78 11.23 -31.86
N SER A 346 24.37 12.41 -31.91
CA SER A 346 25.65 12.68 -31.25
C SER A 346 25.51 13.71 -30.13
N VAL A 347 24.32 13.78 -29.54
CA VAL A 347 24.02 14.77 -28.51
C VAL A 347 24.64 14.33 -27.18
N ILE A 348 25.17 15.28 -26.42
CA ILE A 348 25.58 15.05 -25.03
C ILE A 348 24.49 15.64 -24.14
N TYR A 349 24.08 14.90 -23.12
CA TYR A 349 22.98 15.30 -22.26
C TYR A 349 23.39 15.55 -20.81
N GLU A 350 22.53 16.26 -20.10
CA GLU A 350 22.59 16.36 -18.66
C GLU A 350 21.22 16.02 -18.09
N ALA A 351 21.19 15.36 -16.94
CA ALA A 351 19.94 14.97 -16.30
C ALA A 351 19.91 15.51 -14.88
N GLN A 352 18.73 15.96 -14.47
CA GLN A 352 18.45 16.24 -13.06
C GLN A 352 17.45 15.23 -12.54
N ASP A 353 17.81 14.60 -11.43
CA ASP A 353 16.91 13.72 -10.72
C ASP A 353 15.83 14.59 -10.07
N VAL A 354 14.58 14.36 -10.45
CA VAL A 354 13.48 15.25 -10.05
C VAL A 354 13.25 15.22 -8.55
N TYR A 355 13.43 14.07 -7.92
CA TYR A 355 13.21 13.94 -6.48
C TYR A 355 14.45 14.27 -5.64
N SER A 356 15.62 13.87 -6.07
CA SER A 356 16.82 14.17 -5.24
C SER A 356 17.45 15.51 -5.58
N GLY A 357 17.25 15.98 -6.79
CA GLY A 357 17.87 17.21 -7.26
C GLY A 357 19.27 17.03 -7.77
N ASP A 358 19.80 15.81 -7.67
CA ASP A 358 21.17 15.53 -8.11
C ASP A 358 21.30 15.64 -9.64
N ILE A 359 22.45 16.09 -10.09
CA ILE A 359 22.69 16.27 -11.52
C ILE A 359 23.68 15.24 -12.06
N ILE A 360 23.29 14.55 -13.14
CA ILE A 360 24.15 13.61 -13.85
C ILE A 360 24.51 14.25 -15.20
N SER A 361 25.78 14.54 -15.40
CA SER A 361 26.19 15.31 -16.57
C SER A 361 27.09 14.50 -17.50
N GLY A 362 27.15 14.91 -18.77
CA GLY A 362 28.03 14.31 -19.75
C GLY A 362 27.57 12.94 -20.25
N LEU A 363 26.25 12.75 -20.35
CA LEU A 363 25.71 11.49 -20.85
C LEU A 363 25.63 11.49 -22.36
N ARG A 364 26.42 10.63 -23.01
CA ARG A 364 26.27 10.39 -24.44
C ARG A 364 25.35 9.19 -24.59
N ASP A 365 24.89 8.90 -25.81
CA ASP A 365 24.02 7.74 -26.01
C ASP A 365 24.66 6.42 -25.51
N GLU A 366 25.97 6.29 -25.66
CA GLU A 366 26.69 5.06 -25.32
C GLU A 366 27.08 5.00 -23.83
N THR A 367 26.85 6.08 -23.09
CA THR A 367 27.28 6.12 -21.70
C THR A 367 26.39 5.21 -20.85
N ASN A 368 27.00 4.23 -20.20
CA ASN A 368 26.28 3.38 -19.28
C ASN A 368 25.95 4.14 -18.00
N PHE A 369 24.71 4.01 -17.53
CA PHE A 369 24.36 4.53 -16.21
C PHE A 369 23.55 3.51 -15.44
N THR A 370 23.51 3.69 -14.12
CA THR A 370 22.74 2.87 -13.21
C THR A 370 21.84 3.78 -12.39
N VAL A 371 20.56 3.43 -12.30
CA VAL A 371 19.65 4.09 -11.35
C VAL A 371 19.12 3.02 -10.38
N ILE A 372 18.95 3.41 -9.12
CA ILE A 372 18.52 2.50 -8.09
C ILE A 372 17.06 2.81 -7.82
N ILE A 373 16.20 1.84 -8.14
CA ILE A 373 14.75 2.04 -8.06
C ILE A 373 14.19 1.14 -6.99
N ASN A 374 13.40 1.72 -6.08
CA ASN A 374 12.79 0.97 -5.02
C ASN A 374 11.50 0.32 -5.47
N PRO A 375 11.09 -0.76 -4.79
CA PRO A 375 9.89 -1.48 -5.22
C PRO A 375 8.63 -0.62 -5.15
N SER A 376 7.79 -0.73 -6.17
CA SER A 376 6.62 0.12 -6.34
C SER A 376 6.98 1.62 -6.33
N GLY A 377 8.17 1.92 -6.83
CA GLY A 377 8.71 3.26 -6.82
C GLY A 377 9.31 3.66 -8.15
N VAL A 378 9.76 4.92 -8.21
CA VAL A 378 10.35 5.44 -9.42
C VAL A 378 11.68 6.14 -9.17
N VAL A 379 12.40 6.30 -10.27
CA VAL A 379 13.42 7.34 -10.42
C VAL A 379 12.99 8.17 -11.61
N MET A 380 13.02 9.49 -11.47
CA MET A 380 12.60 10.37 -12.56
C MET A 380 13.70 11.35 -12.90
N TRP A 381 13.95 11.46 -14.20
CA TRP A 381 14.96 12.40 -14.72
C TRP A 381 14.31 13.45 -15.62
N TYR A 382 14.83 14.67 -15.49
CA TYR A 382 14.60 15.75 -16.45
C TYR A 382 15.90 15.83 -17.23
N LEU A 383 15.84 15.53 -18.53
CA LEU A 383 17.01 15.35 -19.40
C LEU A 383 17.04 16.41 -20.49
N TYR A 384 18.20 16.97 -20.75
CA TYR A 384 18.33 18.00 -21.78
C TYR A 384 19.72 18.01 -22.40
N PRO A 385 19.79 18.37 -23.69
CA PRO A 385 21.09 18.49 -24.33
C PRO A 385 21.93 19.61 -23.73
N ILE A 386 23.24 19.41 -23.68
CA ILE A 386 24.16 20.46 -23.25
C ILE A 386 25.31 20.66 -24.21
N LYS A 387 25.91 21.85 -24.14
CA LYS A 387 27.22 22.13 -24.72
C LYS A 387 28.29 22.20 -23.63
N LEU B 1 5.54 -29.41 17.73
CA LEU B 1 6.72 -30.32 17.98
C LEU B 1 7.10 -30.21 19.45
N ASP B 2 7.16 -31.37 20.12
CA ASP B 2 7.35 -31.43 21.57
C ASP B 2 8.82 -31.37 21.95
N ASN B 3 9.50 -30.29 21.58
CA ASN B 3 10.93 -30.13 21.87
C ASN B 3 11.22 -29.00 22.87
N GLY B 4 10.17 -28.51 23.53
CA GLY B 4 10.30 -27.49 24.56
C GLY B 4 10.39 -26.08 24.00
N LEU B 5 10.40 -25.95 22.68
CA LEU B 5 10.62 -24.64 22.06
C LEU B 5 9.35 -24.00 21.52
N LEU B 6 9.40 -22.68 21.44
CA LEU B 6 8.34 -21.89 20.78
C LEU B 6 6.97 -22.16 21.39
N GLN B 7 6.92 -22.14 22.71
CA GLN B 7 5.67 -22.20 23.45
C GLN B 7 4.81 -20.96 23.19
N THR B 8 5.47 -19.91 22.66
CA THR B 8 4.81 -18.74 22.09
C THR B 8 5.39 -18.56 20.69
N PRO B 9 4.74 -17.79 19.82
CA PRO B 9 5.26 -17.72 18.45
C PRO B 9 6.66 -17.14 18.41
N PRO B 10 7.50 -17.62 17.47
CA PRO B 10 8.82 -17.02 17.42
C PRO B 10 8.80 -15.57 16.98
N MET B 11 9.69 -14.77 17.55
CA MET B 11 9.89 -13.36 17.18
C MET B 11 11.35 -13.20 16.81
N GLY B 12 11.60 -12.47 15.73
CA GLY B 12 12.96 -12.16 15.35
C GLY B 12 13.01 -11.50 14.00
N TRP B 13 14.02 -11.88 13.23
CA TRP B 13 14.37 -11.24 11.98
C TRP B 13 14.90 -12.29 11.04
N LEU B 14 14.45 -12.21 9.80
CA LEU B 14 14.78 -13.16 8.75
C LEU B 14 15.24 -12.36 7.54
N ALA B 15 16.33 -12.79 6.90
CA ALA B 15 16.98 -11.98 5.87
C ALA B 15 16.16 -11.88 4.58
N TRP B 16 15.29 -12.85 4.30
CA TRP B 16 14.86 -13.09 2.94
C TRP B 16 14.03 -11.96 2.29
N GLU B 17 12.95 -11.53 2.91
CA GLU B 17 12.06 -10.60 2.20
C GLU B 17 12.82 -9.36 1.75
N ARG B 18 13.63 -8.78 2.63
CA ARG B 18 14.22 -7.48 2.32
C ARG B 18 15.55 -7.61 1.57
N PHE B 19 16.29 -8.68 1.83
CA PHE B 19 17.67 -8.78 1.28
C PHE B 19 17.83 -9.89 0.24
N ARG B 20 16.86 -10.81 0.20
CA ARG B 20 16.71 -11.80 -0.88
C ARG B 20 18.02 -12.56 -1.16
N CYS B 21 18.40 -12.69 -2.43
CA CYS B 21 19.60 -13.43 -2.84
C CYS B 21 20.66 -12.51 -3.41
N ASN B 22 20.87 -11.39 -2.73
CA ASN B 22 21.89 -10.42 -3.09
C ASN B 22 23.24 -10.91 -2.59
N ILE B 23 24.07 -11.36 -3.52
CA ILE B 23 25.40 -11.88 -3.18
C ILE B 23 26.51 -11.01 -3.76
N ASN B 24 26.15 -9.85 -4.30
CA ASN B 24 27.14 -8.96 -4.94
C ASN B 24 27.77 -8.03 -3.90
N CYS B 25 28.71 -8.57 -3.12
CA CYS B 25 29.33 -7.79 -2.05
C CYS B 25 30.34 -6.79 -2.60
N ASP B 26 30.93 -7.09 -3.75
CA ASP B 26 31.89 -6.18 -4.39
C ASP B 26 31.24 -4.83 -4.71
N GLU B 27 30.02 -4.89 -5.24
CA GLU B 27 29.27 -3.69 -5.64
C GLU B 27 28.30 -3.19 -4.57
N ASP B 28 27.89 -4.07 -3.65
CA ASP B 28 26.84 -3.75 -2.67
C ASP B 28 27.16 -4.35 -1.29
N PRO B 29 28.32 -3.97 -0.70
CA PRO B 29 28.77 -4.59 0.54
C PRO B 29 27.87 -4.40 1.77
N LYS B 30 27.07 -3.33 1.81
CA LYS B 30 26.21 -3.06 2.97
C LYS B 30 24.95 -3.91 2.99
N ASN B 31 24.54 -4.39 1.83
CA ASN B 31 23.27 -5.08 1.69
C ASN B 31 23.32 -6.51 1.19
N CYS B 32 24.51 -7.02 0.87
CA CYS B 32 24.61 -8.40 0.40
C CYS B 32 24.47 -9.39 1.55
N ILE B 33 24.13 -10.62 1.20
CA ILE B 33 24.04 -11.71 2.17
C ILE B 33 25.46 -12.06 2.64
N SER B 34 25.82 -11.67 3.86
CA SER B 34 27.17 -11.84 4.38
C SER B 34 27.19 -11.80 5.90
N GLU B 35 28.30 -12.25 6.49
CA GLU B 35 28.41 -12.26 7.94
C GLU B 35 28.26 -10.85 8.51
N GLN B 36 28.84 -9.86 7.82
CA GLN B 36 28.72 -8.45 8.20
C GLN B 36 27.25 -8.05 8.37
N LEU B 37 26.41 -8.41 7.39
CA LEU B 37 24.97 -8.10 7.48
C LEU B 37 24.34 -8.66 8.75
N PHE B 38 24.59 -9.94 9.02
CA PHE B 38 24.04 -10.59 10.21
C PHE B 38 24.59 -10.01 11.51
N MET B 39 25.89 -9.72 11.55
N MET B 39 25.90 -9.72 11.56
CA MET B 39 26.49 -9.11 12.73
CA MET B 39 26.48 -9.10 12.74
C MET B 39 25.92 -7.73 13.01
C MET B 39 25.89 -7.73 13.01
N GLU B 40 25.75 -6.93 11.96
CA GLU B 40 25.17 -5.57 12.10
C GLU B 40 23.72 -5.61 12.57
N MET B 41 22.94 -6.56 12.06
CA MET B 41 21.57 -6.70 12.52
C MET B 41 21.49 -7.19 13.94
N ALA B 42 22.39 -8.11 14.31
CA ALA B 42 22.50 -8.56 15.69
C ALA B 42 22.77 -7.39 16.62
N ASP B 43 23.73 -6.54 16.26
CA ASP B 43 24.01 -5.37 17.06
C ASP B 43 22.79 -4.50 17.24
N ARG B 44 22.04 -4.30 16.16
CA ARG B 44 20.83 -3.48 16.21
C ARG B 44 19.78 -4.14 17.11
N MET B 45 19.64 -5.47 17.02
CA MET B 45 18.69 -6.18 17.84
C MET B 45 19.04 -6.06 19.33
N ALA B 46 20.34 -6.11 19.65
CA ALA B 46 20.81 -6.01 21.05
C ALA B 46 20.70 -4.60 21.61
N GLN B 47 20.96 -3.60 20.77
CA GLN B 47 21.08 -2.20 21.23
C GLN B 47 19.83 -1.37 21.13
N ASP B 48 18.95 -1.71 20.19
CA ASP B 48 17.85 -0.81 19.84
C ASP B 48 16.49 -1.29 20.38
N GLY B 49 16.51 -2.20 21.35
CA GLY B 49 15.30 -2.58 22.08
C GLY B 49 14.66 -3.86 21.59
N TRP B 50 15.12 -4.36 20.44
CA TRP B 50 14.44 -5.49 19.80
C TRP B 50 14.50 -6.74 20.67
N ARG B 51 15.70 -7.09 21.11
CA ARG B 51 15.89 -8.25 21.97
C ARG B 51 15.09 -8.10 23.26
N ASP B 52 15.19 -6.92 23.87
CA ASP B 52 14.51 -6.67 25.14
C ASP B 52 12.97 -6.79 25.01
N MET B 53 12.43 -6.55 23.82
CA MET B 53 10.99 -6.66 23.58
C MET B 53 10.56 -8.07 23.15
N GLY B 54 11.53 -8.96 22.94
CA GLY B 54 11.23 -10.37 22.66
C GLY B 54 11.73 -10.88 21.33
N TYR B 55 12.26 -9.99 20.49
CA TYR B 55 12.76 -10.39 19.19
C TYR B 55 14.14 -11.02 19.37
N THR B 56 14.19 -12.35 19.39
CA THR B 56 15.42 -13.08 19.77
C THR B 56 16.08 -13.85 18.63
N TYR B 57 15.34 -14.17 17.57
CA TYR B 57 15.91 -14.95 16.47
C TYR B 57 16.47 -14.07 15.38
N LEU B 58 17.64 -14.42 14.90
CA LEU B 58 18.27 -13.77 13.76
C LEU B 58 18.54 -14.88 12.76
N ASN B 59 17.79 -14.88 11.66
CA ASN B 59 17.74 -16.05 10.77
C ASN B 59 18.29 -15.81 9.39
N ILE B 60 19.29 -16.63 9.05
CA ILE B 60 19.82 -16.73 7.72
C ILE B 60 18.83 -17.48 6.84
N ASP B 61 18.68 -17.01 5.62
CA ASP B 61 17.81 -17.68 4.64
C ASP B 61 18.68 -18.20 3.51
N ASP B 62 18.13 -18.29 2.30
CA ASP B 62 18.83 -18.89 1.18
C ASP B 62 20.06 -18.06 0.76
N CYS B 63 20.95 -18.72 0.02
CA CYS B 63 22.14 -18.12 -0.60
C CYS B 63 23.35 -17.91 0.34
N TRP B 64 23.44 -18.68 1.42
CA TRP B 64 24.57 -18.56 2.35
C TRP B 64 25.69 -19.57 2.05
N ILE B 65 25.34 -20.58 1.27
CA ILE B 65 26.15 -21.79 1.16
C ILE B 65 27.23 -21.62 0.11
N GLY B 66 28.44 -22.02 0.46
CA GLY B 66 29.57 -22.02 -0.48
C GLY B 66 29.64 -23.31 -1.26
N GLY B 67 29.45 -24.42 -0.56
CA GLY B 67 29.56 -25.74 -1.16
C GLY B 67 29.59 -26.80 -0.07
N ARG B 68 29.94 -28.03 -0.47
CA ARG B 68 30.18 -29.10 0.47
C ARG B 68 31.66 -29.46 0.39
N ASP B 69 32.28 -29.71 1.53
CA ASP B 69 33.69 -30.05 1.59
C ASP B 69 33.91 -31.49 1.10
N ALA B 70 35.16 -31.96 1.17
CA ALA B 70 35.50 -33.29 0.67
C ALA B 70 34.81 -34.43 1.41
N SER B 71 34.27 -34.14 2.60
CA SER B 71 33.53 -35.10 3.42
C SER B 71 32.01 -34.91 3.34
N GLY B 72 31.55 -33.98 2.49
CA GLY B 72 30.12 -33.72 2.31
C GLY B 72 29.54 -32.69 3.27
N ARG B 73 30.37 -32.07 4.10
CA ARG B 73 29.89 -31.15 5.13
C ARG B 73 29.68 -29.77 4.52
N LEU B 74 28.51 -29.18 4.77
CA LEU B 74 28.21 -27.84 4.28
C LEU B 74 29.24 -26.84 4.76
N MET B 75 29.57 -25.90 3.87
CA MET B 75 30.44 -24.76 4.15
C MET B 75 29.68 -23.50 3.71
N PRO B 76 29.79 -22.42 4.49
CA PRO B 76 29.25 -21.15 4.00
C PRO B 76 30.19 -20.56 2.95
N ASP B 77 29.71 -19.63 2.16
CA ASP B 77 30.57 -18.95 1.18
C ASP B 77 31.73 -18.30 1.90
N PRO B 78 32.96 -18.72 1.59
CA PRO B 78 34.12 -18.26 2.36
C PRO B 78 34.43 -16.77 2.17
N LYS B 79 34.02 -16.22 1.03
CA LYS B 79 34.19 -14.78 0.76
C LYS B 79 33.19 -13.91 1.53
N ARG B 80 31.99 -14.44 1.75
CA ARG B 80 30.94 -13.68 2.43
C ARG B 80 30.78 -14.03 3.91
N PHE B 81 31.20 -15.23 4.30
CA PHE B 81 31.26 -15.64 5.71
C PHE B 81 32.68 -16.10 6.06
N PRO B 82 33.65 -15.18 6.06
CA PRO B 82 35.05 -15.55 6.26
C PRO B 82 35.39 -16.18 7.61
N HIS B 83 34.64 -15.84 8.66
CA HIS B 83 34.95 -16.37 9.98
C HIS B 83 34.22 -17.70 10.24
N GLY B 84 33.29 -18.08 9.36
CA GLY B 84 32.52 -19.31 9.49
C GLY B 84 31.26 -19.13 10.30
N ILE B 85 30.39 -20.15 10.30
CA ILE B 85 29.10 -20.07 11.01
C ILE B 85 29.24 -20.20 12.52
N PRO B 86 30.12 -21.12 13.01
CA PRO B 86 30.27 -21.19 14.46
C PRO B 86 30.61 -19.82 15.08
N PHE B 87 31.50 -19.06 14.42
CA PHE B 87 31.87 -17.72 14.87
C PHE B 87 30.65 -16.80 14.93
N LEU B 88 29.80 -16.91 13.92
CA LEU B 88 28.61 -16.06 13.87
C LEU B 88 27.59 -16.44 14.95
N ALA B 89 27.44 -17.74 15.20
CA ALA B 89 26.56 -18.22 16.25
C ALA B 89 27.07 -17.76 17.62
N ASP B 90 28.39 -17.88 17.84
CA ASP B 90 29.01 -17.36 19.06
C ASP B 90 28.70 -15.89 19.25
N TYR B 91 28.88 -15.11 18.19
CA TYR B 91 28.66 -13.66 18.26
C TYR B 91 27.22 -13.35 18.62
N VAL B 92 26.30 -13.97 17.88
CA VAL B 92 24.87 -13.84 18.10
C VAL B 92 24.49 -14.27 19.52
N HIS B 93 25.03 -15.41 19.97
CA HIS B 93 24.79 -15.86 21.36
C HIS B 93 25.30 -14.89 22.42
N SER B 94 26.43 -14.24 22.15
CA SER B 94 27.04 -13.31 23.11
C SER B 94 26.16 -12.10 23.37
N LEU B 95 25.24 -11.82 22.45
CA LEU B 95 24.31 -10.70 22.53
C LEU B 95 22.92 -11.12 23.03
N GLY B 96 22.79 -12.37 23.48
CA GLY B 96 21.52 -12.88 23.99
C GLY B 96 20.50 -13.22 22.90
N LEU B 97 20.99 -13.49 21.70
CA LEU B 97 20.19 -13.80 20.55
C LEU B 97 20.37 -15.27 20.15
N LYS B 98 19.53 -15.72 19.23
CA LYS B 98 19.55 -17.08 18.73
C LYS B 98 19.77 -17.02 17.23
N LEU B 99 20.50 -17.98 16.68
CA LEU B 99 20.80 -18.00 15.23
C LEU B 99 19.97 -19.04 14.50
N GLY B 100 19.26 -18.60 13.47
CA GLY B 100 18.53 -19.50 12.60
C GLY B 100 19.28 -19.67 11.31
N ILE B 101 19.08 -20.83 10.68
CA ILE B 101 19.69 -21.11 9.40
C ILE B 101 18.67 -21.74 8.47
N TYR B 102 19.10 -22.00 7.25
CA TYR B 102 18.21 -22.38 6.16
C TYR B 102 18.82 -23.55 5.39
N ALA B 103 17.97 -24.47 4.99
CA ALA B 103 18.35 -25.57 4.09
C ALA B 103 17.14 -25.91 3.24
N ASP B 104 17.33 -26.76 2.23
CA ASP B 104 16.23 -27.16 1.36
C ASP B 104 16.16 -28.67 1.25
N MET B 105 14.95 -29.22 1.49
CA MET B 105 14.65 -30.65 1.35
C MET B 105 14.44 -30.96 -0.13
N GLY B 106 15.54 -31.29 -0.80
CA GLY B 106 15.54 -31.47 -2.24
C GLY B 106 16.95 -31.38 -2.78
N ASN B 107 17.05 -31.40 -4.10
CA ASN B 107 18.35 -31.40 -4.78
C ASN B 107 19.13 -30.10 -4.63
N PHE B 108 18.42 -28.98 -4.63
CA PHE B 108 19.04 -27.66 -4.50
C PHE B 108 18.12 -26.78 -3.70
N THR B 109 18.66 -25.68 -3.16
CA THR B 109 17.82 -24.65 -2.59
C THR B 109 17.06 -23.98 -3.73
N CYS B 110 16.00 -23.24 -3.41
CA CYS B 110 15.22 -22.61 -4.46
C CYS B 110 16.09 -21.73 -5.38
N MET B 111 17.15 -21.13 -4.84
CA MET B 111 18.05 -20.30 -5.63
C MET B 111 19.27 -21.05 -6.19
N GLY B 112 19.24 -22.38 -6.07
CA GLY B 112 20.20 -23.27 -6.74
C GLY B 112 21.44 -23.64 -5.95
N TYR B 113 21.42 -23.33 -4.66
CA TYR B 113 22.53 -23.66 -3.76
C TYR B 113 22.43 -25.13 -3.36
N PRO B 114 23.51 -25.69 -2.77
CA PRO B 114 23.45 -27.12 -2.47
C PRO B 114 22.24 -27.53 -1.62
N GLY B 115 21.49 -28.51 -2.11
CA GLY B 115 20.34 -29.06 -1.41
C GLY B 115 20.66 -30.08 -0.36
N THR B 116 19.77 -30.18 0.62
CA THR B 116 19.82 -31.20 1.63
C THR B 116 18.96 -32.35 1.11
N THR B 117 19.60 -33.26 0.39
CA THR B 117 18.94 -34.45 -0.14
C THR B 117 18.68 -35.41 1.02
N LEU B 118 17.88 -36.45 0.79
CA LEU B 118 17.60 -37.44 1.83
C LEU B 118 18.89 -38.03 2.42
N ASP B 119 19.91 -38.23 1.58
CA ASP B 119 21.19 -38.78 2.03
C ASP B 119 22.04 -37.82 2.87
N LYS B 120 21.71 -36.53 2.83
CA LYS B 120 22.43 -35.51 3.60
C LYS B 120 21.67 -34.98 4.81
N VAL B 121 20.41 -35.40 4.99
CA VAL B 121 19.58 -34.93 6.10
C VAL B 121 20.28 -35.03 7.46
N VAL B 122 20.79 -36.22 7.79
CA VAL B 122 21.43 -36.43 9.08
C VAL B 122 22.73 -35.64 9.21
N GLN B 123 23.60 -35.71 8.22
CA GLN B 123 24.86 -34.96 8.25
C GLN B 123 24.62 -33.47 8.43
N ASP B 124 23.65 -32.94 7.72
CA ASP B 124 23.36 -31.51 7.80
C ASP B 124 22.78 -31.13 9.15
N ALA B 125 21.90 -31.97 9.70
CA ALA B 125 21.38 -31.77 11.06
C ALA B 125 22.51 -31.74 12.08
N GLN B 126 23.41 -32.72 12.00
CA GLN B 126 24.56 -32.79 12.92
C GLN B 126 25.48 -31.58 12.80
N THR B 127 25.72 -31.13 11.57
CA THR B 127 26.50 -29.92 11.29
C THR B 127 25.89 -28.67 11.95
N PHE B 128 24.60 -28.47 11.73
CA PHE B 128 23.88 -27.34 12.33
C PHE B 128 23.96 -27.36 13.85
N ALA B 129 23.73 -28.55 14.46
CA ALA B 129 23.85 -28.67 15.91
C ALA B 129 25.27 -28.35 16.36
N GLU B 130 26.25 -28.86 15.63
CA GLU B 130 27.67 -28.63 15.96
C GLU B 130 28.04 -27.15 15.91
N TRP B 131 27.45 -26.44 14.94
CA TRP B 131 27.62 -25.00 14.82
C TRP B 131 26.90 -24.18 15.89
N LYS B 132 26.02 -24.84 16.65
CA LYS B 132 25.22 -24.23 17.73
C LYS B 132 24.11 -23.33 17.16
N VAL B 133 23.57 -23.76 16.02
CA VAL B 133 22.37 -23.16 15.41
C VAL B 133 21.15 -23.44 16.31
N ASP B 134 20.16 -22.55 16.26
CA ASP B 134 18.99 -22.63 17.15
C ASP B 134 17.67 -22.82 16.45
N MET B 135 17.65 -22.60 15.13
CA MET B 135 16.45 -22.75 14.36
C MET B 135 16.86 -23.14 12.95
N LEU B 136 16.00 -23.93 12.31
CA LEU B 136 16.18 -24.35 10.93
C LEU B 136 14.88 -24.16 10.16
N LYS B 137 14.96 -23.46 9.03
CA LYS B 137 13.87 -23.39 8.06
C LYS B 137 14.24 -24.32 6.94
N LEU B 138 13.38 -25.30 6.69
CA LEU B 138 13.61 -26.32 5.67
C LEU B 138 12.63 -26.12 4.52
N ASP B 139 13.17 -25.57 3.44
CA ASP B 139 12.40 -25.24 2.26
C ASP B 139 12.18 -26.52 1.44
N GLY B 140 11.34 -26.42 0.40
CA GLY B 140 10.87 -27.58 -0.35
C GLY B 140 11.03 -27.61 -1.87
N CYS B 141 11.90 -26.78 -2.42
CA CYS B 141 12.13 -26.78 -3.87
C CYS B 141 12.90 -28.04 -4.28
N PHE B 142 12.77 -28.40 -5.55
CA PHE B 142 13.57 -29.45 -6.19
C PHE B 142 13.45 -30.79 -5.49
N SER B 143 12.21 -31.08 -5.08
CA SER B 143 11.86 -32.35 -4.46
C SER B 143 10.54 -32.84 -5.02
N THR B 144 10.25 -34.10 -4.82
CA THR B 144 8.98 -34.69 -5.17
C THR B 144 8.12 -34.81 -3.89
N PRO B 145 6.81 -35.03 -4.06
CA PRO B 145 5.96 -35.23 -2.88
C PRO B 145 6.45 -36.36 -1.96
N GLU B 146 6.90 -37.47 -2.55
CA GLU B 146 7.41 -38.58 -1.75
C GLU B 146 8.67 -38.22 -0.95
N GLU B 147 9.57 -37.47 -1.56
CA GLU B 147 10.82 -37.03 -0.88
C GLU B 147 10.50 -36.14 0.31
N ARG B 148 9.53 -35.25 0.13
CA ARG B 148 9.08 -34.40 1.24
C ARG B 148 8.41 -35.22 2.35
N ALA B 149 7.58 -36.20 1.96
CA ALA B 149 6.88 -37.06 2.95
C ALA B 149 7.87 -37.86 3.79
N GLN B 150 8.98 -38.28 3.18
CA GLN B 150 10.08 -38.94 3.89
C GLN B 150 10.99 -37.97 4.64
N GLY B 151 11.29 -36.85 3.98
CA GLY B 151 12.35 -35.95 4.42
C GLY B 151 12.03 -35.07 5.59
N TYR B 152 10.83 -34.51 5.62
CA TYR B 152 10.46 -33.65 6.74
C TYR B 152 10.47 -34.44 8.06
N PRO B 153 9.82 -35.63 8.09
CA PRO B 153 10.00 -36.43 9.29
C PRO B 153 11.44 -36.87 9.55
N LYS B 154 12.19 -37.20 8.51
CA LYS B 154 13.58 -37.61 8.68
C LYS B 154 14.39 -36.50 9.34
N MET B 155 14.18 -35.25 8.91
CA MET B 155 14.90 -34.13 9.50
C MET B 155 14.49 -33.90 10.94
N ALA B 156 13.19 -33.99 11.24
CA ALA B 156 12.75 -33.83 12.63
C ALA B 156 13.41 -34.87 13.52
N ALA B 157 13.45 -36.12 13.06
CA ALA B 157 14.14 -37.19 13.78
C ALA B 157 15.63 -36.89 13.92
N ALA B 158 16.26 -36.43 12.84
CA ALA B 158 17.70 -36.14 12.86
C ALA B 158 18.05 -35.01 13.82
N LEU B 159 17.26 -33.93 13.80
CA LEU B 159 17.46 -32.83 14.73
C LEU B 159 17.35 -33.30 16.18
N ASN B 160 16.32 -34.10 16.45
CA ASN B 160 16.11 -34.62 17.78
C ASN B 160 17.32 -35.40 18.26
N ALA B 161 17.84 -36.26 17.37
CA ALA B 161 18.94 -37.16 17.69
C ALA B 161 20.26 -36.43 18.00
N THR B 162 20.40 -35.17 17.57
CA THR B 162 21.60 -34.38 17.89
C THR B 162 21.66 -33.99 19.36
N GLY B 163 20.50 -33.99 20.03
CA GLY B 163 20.41 -33.57 21.42
C GLY B 163 20.30 -32.07 21.64
N ARG B 164 20.51 -31.28 20.59
CA ARG B 164 20.40 -29.83 20.69
C ARG B 164 18.99 -29.38 20.29
N PRO B 165 18.29 -28.64 21.17
CA PRO B 165 16.99 -28.06 20.76
C PRO B 165 17.15 -27.09 19.60
N ILE B 166 16.55 -27.44 18.47
CA ILE B 166 16.56 -26.60 17.26
C ILE B 166 15.13 -26.39 16.80
N ALA B 167 14.66 -25.14 16.79
CA ALA B 167 13.32 -24.83 16.37
C ALA B 167 13.20 -25.21 14.90
N PHE B 168 12.12 -25.88 14.53
CA PHE B 168 12.01 -26.44 13.20
C PHE B 168 10.83 -25.82 12.45
N SER B 169 11.16 -25.06 11.40
CA SER B 169 10.21 -24.37 10.55
C SER B 169 10.13 -25.13 9.24
N CYS B 170 8.95 -25.67 8.95
CA CYS B 170 8.73 -26.59 7.84
C CYS B 170 7.91 -25.99 6.72
N SER B 171 8.49 -25.92 5.52
CA SER B 171 7.73 -25.41 4.39
C SER B 171 6.87 -26.43 3.70
N TRP B 172 6.90 -27.67 4.18
CA TRP B 172 6.21 -28.78 3.53
C TRP B 172 4.79 -28.44 3.04
N PRO B 173 3.91 -27.90 3.91
CA PRO B 173 2.52 -27.71 3.41
C PRO B 173 2.37 -26.70 2.28
N ALA B 174 3.23 -25.69 2.24
CA ALA B 174 3.19 -24.69 1.17
C ALA B 174 3.42 -25.34 -0.20
N TYR B 175 4.20 -26.41 -0.23
CA TYR B 175 4.48 -27.14 -1.49
C TYR B 175 3.42 -28.20 -1.84
N GLU B 176 2.42 -28.35 -0.96
CA GLU B 176 1.34 -29.34 -1.12
C GLU B 176 -0.03 -28.69 -1.18
N GLY B 177 -0.10 -27.37 -1.33
CA GLY B 177 -1.39 -26.68 -1.41
C GLY B 177 -2.01 -26.28 -0.09
N GLY B 178 -1.36 -26.62 1.03
CA GLY B 178 -1.73 -26.10 2.35
C GLY B 178 -2.95 -26.70 3.02
N LEU B 179 -3.61 -27.65 2.36
CA LEU B 179 -4.89 -28.16 2.84
C LEU B 179 -4.99 -29.68 2.80
N PRO B 180 -5.85 -30.26 3.66
CA PRO B 180 -6.15 -31.68 3.57
C PRO B 180 -6.93 -31.90 2.28
N PRO B 181 -6.87 -33.13 1.72
CA PRO B 181 -6.20 -34.27 2.33
C PRO B 181 -4.68 -34.35 2.09
N ARG B 182 -4.13 -33.52 1.20
CA ARG B 182 -2.71 -33.63 0.88
C ARG B 182 -1.83 -33.26 2.07
N VAL B 183 -2.25 -32.25 2.84
CA VAL B 183 -1.52 -31.88 4.07
C VAL B 183 -2.18 -32.49 5.27
N GLN B 184 -1.36 -33.07 6.16
CA GLN B 184 -1.83 -33.72 7.38
C GLN B 184 -1.34 -32.91 8.56
N TYR B 185 -2.18 -32.00 9.03
CA TYR B 185 -1.74 -31.08 10.09
C TYR B 185 -1.46 -31.76 11.42
N SER B 186 -2.12 -32.88 11.68
CA SER B 186 -1.80 -33.64 12.88
C SER B 186 -0.34 -34.11 12.89
N LEU B 187 0.16 -34.55 11.74
CA LEU B 187 1.55 -34.96 11.63
C LEU B 187 2.44 -33.74 11.71
N LEU B 188 2.10 -32.67 10.97
CA LEU B 188 2.93 -31.47 11.02
C LEU B 188 3.11 -30.97 12.44
N ALA B 189 2.03 -30.96 13.23
CA ALA B 189 2.13 -30.46 14.60
C ALA B 189 3.09 -31.29 15.46
N ASP B 190 3.18 -32.58 15.15
CA ASP B 190 4.07 -33.48 15.87
C ASP B 190 5.53 -33.40 15.44
N ILE B 191 5.81 -32.93 14.23
CA ILE B 191 7.20 -32.90 13.74
C ILE B 191 7.81 -31.52 13.56
N CYS B 192 6.98 -30.48 13.59
CA CYS B 192 7.45 -29.10 13.33
C CYS B 192 6.95 -28.12 14.37
N ASN B 193 7.76 -27.11 14.66
CA ASN B 193 7.34 -26.01 15.54
C ASN B 193 6.51 -24.93 14.84
N LEU B 194 6.65 -24.84 13.52
CA LEU B 194 5.87 -23.91 12.70
C LEU B 194 5.99 -24.35 11.26
N TRP B 195 5.05 -23.93 10.44
CA TRP B 195 5.04 -24.31 9.05
C TRP B 195 4.49 -23.20 8.19
N ARG B 196 5.14 -22.99 7.05
CA ARG B 196 4.64 -22.09 6.03
C ARG B 196 3.52 -22.81 5.28
N ASN B 197 2.28 -22.34 5.44
CA ASN B 197 1.11 -22.96 4.84
C ASN B 197 0.90 -22.56 3.38
N TYR B 198 1.40 -21.37 3.02
CA TYR B 198 0.90 -20.69 1.83
C TYR B 198 2.01 -19.92 1.09
N ASP B 199 1.61 -19.11 0.12
CA ASP B 199 2.52 -18.38 -0.78
C ASP B 199 3.47 -17.43 -0.06
N ASP B 200 4.63 -17.25 -0.66
CA ASP B 200 5.58 -16.25 -0.17
C ASP B 200 4.93 -14.87 -0.16
N ILE B 201 5.17 -14.13 0.91
CA ILE B 201 4.72 -12.75 0.99
C ILE B 201 5.66 -11.91 0.13
N GLN B 202 5.09 -10.88 -0.48
CA GLN B 202 5.88 -9.92 -1.27
C GLN B 202 5.57 -8.54 -0.68
N ASP B 203 6.35 -7.54 -1.08
CA ASP B 203 6.23 -6.21 -0.46
C ASP B 203 5.09 -5.42 -1.12
N SER B 204 3.87 -5.86 -0.86
CA SER B 204 2.68 -5.21 -1.38
C SER B 204 1.50 -5.49 -0.48
N TRP B 205 0.57 -4.54 -0.44
CA TRP B 205 -0.67 -4.75 0.29
C TRP B 205 -1.50 -5.85 -0.34
N TRP B 206 -1.52 -5.96 -1.67
CA TRP B 206 -2.22 -7.03 -2.35
C TRP B 206 -1.76 -8.39 -1.80
N SER B 207 -0.46 -8.52 -1.60
CA SER B 207 0.09 -9.77 -1.06
C SER B 207 -0.43 -10.09 0.34
N VAL B 208 -0.40 -9.09 1.21
CA VAL B 208 -0.94 -9.27 2.57
C VAL B 208 -2.37 -9.70 2.51
N LEU B 209 -3.16 -9.01 1.68
CA LEU B 209 -4.57 -9.36 1.55
C LEU B 209 -4.79 -10.76 1.00
N SER B 210 -3.97 -11.18 0.03
N SER B 210 -3.98 -11.18 0.02
CA SER B 210 -4.12 -12.53 -0.53
CA SER B 210 -4.11 -12.53 -0.54
C SER B 210 -3.89 -13.61 0.54
C SER B 210 -3.91 -13.59 0.54
N ILE B 211 -2.89 -13.38 1.37
CA ILE B 211 -2.56 -14.31 2.44
C ILE B 211 -3.65 -14.31 3.50
N LEU B 212 -4.07 -13.12 3.95
N LEU B 212 -4.06 -13.11 3.93
CA LEU B 212 -5.16 -13.02 4.92
CA LEU B 212 -5.12 -12.99 4.92
C LEU B 212 -6.39 -13.74 4.42
C LEU B 212 -6.41 -13.67 4.44
N ASN B 213 -6.76 -13.47 3.16
CA ASN B 213 -7.95 -14.08 2.56
C ASN B 213 -7.90 -15.59 2.62
N TRP B 214 -6.74 -16.14 2.30
CA TRP B 214 -6.57 -17.59 2.27
C TRP B 214 -6.69 -18.15 3.68
N PHE B 215 -6.02 -17.51 4.65
CA PHE B 215 -6.14 -17.97 6.02
C PHE B 215 -7.57 -17.88 6.55
N VAL B 216 -8.30 -16.84 6.18
CA VAL B 216 -9.69 -16.70 6.64
C VAL B 216 -10.59 -17.70 5.95
N GLU B 217 -10.43 -17.88 4.64
CA GLU B 217 -11.21 -18.87 3.90
C GLU B 217 -11.11 -20.25 4.52
N HIS B 218 -9.95 -20.58 5.05
CA HIS B 218 -9.64 -21.91 5.55
C HIS B 218 -9.47 -21.96 7.06
N GLN B 219 -9.96 -20.94 7.77
CA GLN B 219 -9.75 -20.84 9.20
C GLN B 219 -10.39 -21.99 10.00
N ASP B 220 -11.47 -22.59 9.53
CA ASP B 220 -12.05 -23.72 10.26
C ASP B 220 -11.07 -24.90 10.35
N ILE B 221 -10.25 -25.07 9.31
CA ILE B 221 -9.20 -26.09 9.28
C ILE B 221 -7.94 -25.61 10.03
N LEU B 222 -7.54 -24.36 9.82
CA LEU B 222 -6.22 -23.88 10.27
C LEU B 222 -6.18 -23.41 11.72
N GLN B 223 -7.23 -22.72 12.16
CA GLN B 223 -7.26 -22.18 13.51
C GLN B 223 -7.02 -23.24 14.60
N PRO B 224 -7.67 -24.42 14.51
CA PRO B 224 -7.50 -25.35 15.63
C PRO B 224 -6.12 -26.00 15.75
N VAL B 225 -5.34 -25.98 14.68
CA VAL B 225 -4.08 -26.72 14.65
C VAL B 225 -2.95 -25.94 15.32
N ALA B 226 -3.12 -24.64 15.49
CA ALA B 226 -2.09 -23.82 16.12
C ALA B 226 -2.16 -23.91 17.64
N GLY B 227 -0.99 -23.85 18.26
CA GLY B 227 -0.91 -23.74 19.69
C GLY B 227 0.54 -23.79 20.12
N PRO B 228 0.81 -23.73 21.44
CA PRO B 228 2.16 -23.75 21.96
C PRO B 228 2.98 -24.88 21.35
N GLY B 229 4.08 -24.49 20.73
CA GLY B 229 5.03 -25.38 20.09
C GLY B 229 4.72 -25.76 18.65
N HIS B 230 3.61 -25.28 18.10
CA HIS B 230 3.24 -25.62 16.73
C HIS B 230 2.30 -24.61 16.07
N TRP B 231 2.89 -23.71 15.29
CA TRP B 231 2.19 -22.54 14.74
C TRP B 231 2.00 -22.56 13.25
N ASN B 232 0.92 -21.94 12.82
CA ASN B 232 0.76 -21.59 11.42
C ASN B 232 1.69 -20.39 11.15
N ASP B 233 2.26 -20.32 9.96
CA ASP B 233 3.15 -19.23 9.58
C ASP B 233 2.68 -18.58 8.28
N PRO B 234 2.03 -17.40 8.36
CA PRO B 234 1.59 -16.68 7.16
C PRO B 234 2.69 -15.83 6.52
N ASP B 235 3.92 -16.00 7.00
CA ASP B 235 5.16 -15.45 6.44
C ASP B 235 5.55 -14.09 7.09
N MET B 236 6.63 -13.51 6.59
CA MET B 236 7.31 -12.40 7.26
C MET B 236 6.47 -11.11 7.32
N LEU B 237 6.78 -10.31 8.31
CA LEU B 237 6.25 -8.96 8.40
C LEU B 237 6.96 -8.07 7.39
N LEU B 238 6.22 -7.14 6.80
CA LEU B 238 6.72 -6.24 5.77
C LEU B 238 7.02 -4.86 6.34
N ILE B 239 6.74 -4.69 7.63
CA ILE B 239 6.84 -3.39 8.27
C ILE B 239 8.28 -2.90 8.24
N GLY B 240 8.45 -1.70 7.75
CA GLY B 240 9.78 -1.10 7.60
C GLY B 240 10.24 -1.03 6.15
N ASN B 241 9.52 -1.66 5.22
CA ASN B 241 9.96 -1.73 3.84
C ASN B 241 9.22 -0.72 2.95
N PHE B 242 8.86 -1.09 1.72
CA PHE B 242 8.49 -0.09 0.72
C PHE B 242 7.04 -0.06 0.33
N GLY B 243 6.41 -1.22 0.46
CA GLY B 243 5.10 -1.47 -0.15
C GLY B 243 3.88 -1.09 0.67
N LEU B 244 4.01 -1.12 2.00
CA LEU B 244 2.87 -0.83 2.86
C LEU B 244 2.87 0.61 3.33
N SER B 245 1.70 1.23 3.29
CA SER B 245 1.48 2.53 3.91
C SER B 245 1.46 2.36 5.42
N LEU B 246 1.41 3.47 6.16
CA LEU B 246 1.34 3.44 7.62
C LEU B 246 0.13 2.63 8.11
N GLU B 247 -1.06 2.88 7.53
CA GLU B 247 -2.26 2.16 7.99
C GLU B 247 -2.12 0.66 7.73
N GLN B 248 -1.55 0.32 6.57
CA GLN B 248 -1.36 -1.07 6.19
C GLN B 248 -0.31 -1.79 7.06
N SER B 249 0.72 -1.04 7.45
CA SER B 249 1.75 -1.57 8.35
C SER B 249 1.16 -1.90 9.71
N ARG B 250 0.37 -0.96 10.24
CA ARG B 250 -0.31 -1.18 11.51
C ARG B 250 -1.28 -2.35 11.38
N ALA B 251 -1.90 -2.48 10.23
CA ALA B 251 -2.87 -3.56 10.01
C ALA B 251 -2.16 -4.91 10.00
N GLN B 252 -1.05 -5.02 9.28
CA GLN B 252 -0.38 -6.31 9.23
C GLN B 252 0.06 -6.76 10.63
N MET B 253 0.60 -5.84 11.43
CA MET B 253 1.04 -6.20 12.75
C MET B 253 -0.13 -6.72 13.60
N ALA B 254 -1.25 -6.00 13.53
CA ALA B 254 -2.44 -6.38 14.30
C ALA B 254 -3.00 -7.71 13.88
N LEU B 255 -3.08 -7.93 12.57
CA LEU B 255 -3.72 -9.15 12.06
C LEU B 255 -2.80 -10.37 12.28
N TRP B 256 -1.51 -10.21 12.09
CA TRP B 256 -0.56 -11.31 12.39
C TRP B 256 -0.67 -11.66 13.88
N THR B 257 -0.81 -10.64 14.73
CA THR B 257 -0.96 -10.84 16.15
C THR B 257 -2.21 -11.61 16.50
N VAL B 258 -3.35 -11.26 15.92
N VAL B 258 -3.34 -11.24 15.90
CA VAL B 258 -4.57 -12.02 16.24
CA VAL B 258 -4.61 -11.94 16.15
C VAL B 258 -4.54 -13.43 15.66
C VAL B 258 -4.59 -13.39 15.61
N LEU B 259 -3.74 -13.66 14.61
CA LEU B 259 -3.59 -15.00 14.04
C LEU B 259 -2.54 -15.85 14.77
N ALA B 260 -1.95 -15.34 15.86
CA ALA B 260 -0.90 -16.07 16.58
C ALA B 260 0.22 -16.45 15.62
N ALA B 261 0.59 -15.51 14.75
CA ALA B 261 1.67 -15.72 13.80
C ALA B 261 3.02 -15.42 14.42
N PRO B 262 4.07 -16.04 13.86
CA PRO B 262 5.40 -15.55 14.12
C PRO B 262 5.48 -14.06 13.83
N LEU B 263 6.32 -13.35 14.60
CA LEU B 263 6.64 -11.95 14.29
C LEU B 263 8.09 -11.95 13.82
N LEU B 264 8.24 -12.35 12.56
CA LEU B 264 9.54 -12.42 11.93
C LEU B 264 9.65 -11.26 10.96
N MET B 265 10.37 -10.26 11.40
CA MET B 265 10.61 -9.09 10.59
C MET B 265 11.60 -9.42 9.50
N SER B 266 11.63 -8.57 8.49
CA SER B 266 12.63 -8.68 7.43
C SER B 266 12.73 -7.31 6.81
N THR B 267 13.62 -6.51 7.37
CA THR B 267 13.70 -5.10 7.06
C THR B 267 15.06 -4.58 7.50
N ASP B 268 15.48 -3.42 7.01
CA ASP B 268 16.79 -2.91 7.38
C ASP B 268 16.70 -2.21 8.73
N LEU B 269 17.14 -2.90 9.78
CA LEU B 269 17.03 -2.38 11.15
C LEU B 269 17.96 -1.20 11.38
N ARG B 270 18.91 -1.01 10.47
CA ARG B 270 19.87 0.07 10.57
C ARG B 270 19.28 1.42 10.19
N THR B 271 18.22 1.42 9.38
CA THR B 271 17.59 2.63 8.90
C THR B 271 16.08 2.71 9.18
N ILE B 272 15.54 1.76 9.95
CA ILE B 272 14.09 1.69 10.16
C ILE B 272 13.64 3.00 10.82
N SER B 273 12.48 3.50 10.40
CA SER B 273 11.95 4.74 10.96
C SER B 273 11.42 4.54 12.38
N ALA B 274 11.38 5.64 13.13
CA ALA B 274 10.80 5.62 14.48
C ALA B 274 9.35 5.15 14.43
N GLN B 275 8.59 5.61 13.43
CA GLN B 275 7.19 5.23 13.25
C GLN B 275 7.00 3.71 13.10
N ASN B 276 7.85 3.11 12.27
CA ASN B 276 7.84 1.66 12.08
C ASN B 276 8.34 0.88 13.28
N MET B 277 9.39 1.38 13.92
CA MET B 277 9.87 0.76 15.15
C MET B 277 8.78 0.76 16.21
N ASP B 278 7.99 1.83 16.26
CA ASP B 278 6.94 1.96 17.28
C ASP B 278 5.83 0.94 17.09
N ILE B 279 5.59 0.56 15.84
CA ILE B 279 4.59 -0.47 15.53
C ILE B 279 5.12 -1.81 16.04
N LEU B 280 6.33 -2.14 15.62
CA LEU B 280 6.91 -3.45 15.92
C LEU B 280 7.27 -3.65 17.40
N GLN B 281 7.59 -2.57 18.11
CA GLN B 281 7.90 -2.66 19.54
C GLN B 281 6.77 -2.33 20.50
N ASN B 282 5.56 -2.22 19.99
CA ASN B 282 4.38 -1.94 20.80
C ASN B 282 4.25 -3.05 21.89
N PRO B 283 4.36 -2.68 23.17
CA PRO B 283 4.43 -3.76 24.18
C PRO B 283 3.14 -4.55 24.37
N LEU B 284 2.00 -3.87 24.28
CA LEU B 284 0.73 -4.54 24.41
C LEU B 284 0.51 -5.46 23.22
N MET B 285 0.85 -4.99 22.03
CA MET B 285 0.75 -5.84 20.83
C MET B 285 1.53 -7.13 21.00
N ILE B 286 2.77 -6.99 21.47
CA ILE B 286 3.64 -8.14 21.65
C ILE B 286 3.10 -9.08 22.75
N LYS B 287 2.64 -8.51 23.87
CA LYS B 287 1.98 -9.30 24.94
C LYS B 287 0.84 -10.17 24.37
N ILE B 288 0.02 -9.56 23.52
CA ILE B 288 -1.08 -10.27 22.89
C ILE B 288 -0.53 -11.36 21.98
N ASN B 289 0.44 -11.01 21.12
CA ASN B 289 1.00 -12.03 20.23
C ASN B 289 1.52 -13.24 21.01
N GLN B 290 2.21 -12.94 22.10
CA GLN B 290 2.88 -13.92 22.97
C GLN B 290 2.00 -14.53 24.07
N ASP B 291 0.69 -14.36 23.95
CA ASP B 291 -0.20 -14.85 24.98
C ASP B 291 0.04 -16.34 25.24
N PRO B 292 0.15 -16.74 26.52
CA PRO B 292 0.53 -18.11 26.79
C PRO B 292 -0.45 -19.20 26.36
N LEU B 293 -1.72 -18.88 26.17
CA LEU B 293 -2.68 -19.89 25.70
C LEU B 293 -2.42 -20.31 24.25
N GLY B 294 -1.80 -19.42 23.46
CA GLY B 294 -1.49 -19.74 22.07
C GLY B 294 -2.70 -20.13 21.25
N ILE B 295 -3.84 -19.50 21.51
CA ILE B 295 -5.06 -19.77 20.72
C ILE B 295 -5.11 -18.82 19.54
N GLN B 296 -5.02 -19.35 18.33
CA GLN B 296 -5.13 -18.55 17.13
C GLN B 296 -6.54 -17.94 17.02
N GLY B 297 -6.62 -16.68 16.63
CA GLY B 297 -7.88 -15.99 16.44
C GLY B 297 -8.54 -16.35 15.12
N ARG B 298 -9.68 -15.71 14.90
CA ARG B 298 -10.55 -15.95 13.76
C ARG B 298 -11.18 -14.63 13.31
N ARG B 299 -11.56 -14.57 12.04
CA ARG B 299 -12.55 -13.58 11.63
C ARG B 299 -13.92 -14.00 12.13
N ILE B 300 -14.56 -13.10 12.89
CA ILE B 300 -15.86 -13.39 13.48
C ILE B 300 -17.01 -12.66 12.82
N HIS B 301 -16.73 -11.60 12.07
CA HIS B 301 -17.77 -10.77 11.48
C HIS B 301 -17.23 -10.16 10.19
N LYS B 302 -18.06 -10.13 9.17
CA LYS B 302 -17.77 -9.40 7.94
C LYS B 302 -19.08 -8.69 7.61
N GLU B 303 -19.01 -7.41 7.30
CA GLU B 303 -20.20 -6.59 7.04
C GLU B 303 -20.19 -6.09 5.58
N LYS B 304 -21.37 -5.76 5.05
CA LYS B 304 -21.44 -5.20 3.69
C LYS B 304 -20.71 -3.84 3.55
N SER B 305 -20.50 -3.15 4.67
CA SER B 305 -19.66 -1.95 4.74
C SER B 305 -18.16 -2.20 4.52
N LEU B 306 -17.76 -3.47 4.39
CA LEU B 306 -16.39 -3.91 4.18
C LEU B 306 -15.54 -3.75 5.43
N ILE B 307 -16.20 -3.61 6.58
CA ILE B 307 -15.55 -3.77 7.86
C ILE B 307 -15.55 -5.23 8.31
N GLU B 308 -14.39 -5.72 8.73
CA GLU B 308 -14.25 -7.08 9.26
C GLU B 308 -13.82 -6.99 10.71
N VAL B 309 -14.26 -7.96 11.51
CA VAL B 309 -13.86 -8.03 12.90
C VAL B 309 -13.23 -9.38 13.17
N TYR B 310 -12.04 -9.34 13.76
CA TYR B 310 -11.32 -10.53 14.18
C TYR B 310 -11.25 -10.55 15.69
N MET B 311 -11.25 -11.73 16.25
CA MET B 311 -11.18 -11.90 17.69
C MET B 311 -10.21 -13.03 18.03
N ARG B 312 -9.35 -12.77 19.01
CA ARG B 312 -8.45 -13.78 19.56
C ARG B 312 -8.65 -13.92 21.05
N PRO B 313 -8.96 -15.14 21.51
CA PRO B 313 -9.05 -15.36 22.93
C PRO B 313 -7.69 -15.34 23.58
N LEU B 314 -7.63 -14.76 24.79
CA LEU B 314 -6.39 -14.58 25.53
C LEU B 314 -6.52 -15.08 26.97
N SER B 315 -5.39 -15.07 27.67
CA SER B 315 -5.33 -15.42 29.08
C SER B 315 -6.20 -14.53 29.94
N ASN B 316 -6.61 -15.08 31.09
CA ASN B 316 -7.38 -14.33 32.10
C ASN B 316 -8.69 -13.75 31.57
N LYS B 317 -9.36 -14.54 30.72
CA LYS B 317 -10.65 -14.21 30.13
C LYS B 317 -10.65 -12.89 29.34
N ALA B 318 -9.46 -12.48 28.87
CA ALA B 318 -9.32 -11.33 28.00
C ALA B 318 -9.46 -11.76 26.52
N SER B 319 -9.62 -10.77 25.65
CA SER B 319 -9.72 -10.97 24.21
C SER B 319 -9.00 -9.84 23.49
N ALA B 320 -8.56 -10.10 22.26
CA ALA B 320 -8.12 -9.05 21.35
C ALA B 320 -9.17 -8.95 20.26
N LEU B 321 -9.57 -7.72 19.93
CA LEU B 321 -10.47 -7.46 18.82
C LEU B 321 -9.73 -6.59 17.82
N VAL B 322 -9.80 -6.95 16.55
CA VAL B 322 -9.26 -6.10 15.48
C VAL B 322 -10.40 -5.78 14.53
N PHE B 323 -10.69 -4.49 14.42
CA PHE B 323 -11.72 -3.98 13.50
C PHE B 323 -10.93 -3.53 12.28
N PHE B 324 -11.20 -4.12 11.12
CA PHE B 324 -10.35 -3.96 9.94
C PHE B 324 -11.18 -3.43 8.79
N SER B 325 -10.77 -2.30 8.21
CA SER B 325 -11.46 -1.73 7.08
C SER B 325 -10.83 -2.13 5.76
N CYS B 326 -11.61 -2.87 4.96
N CYS B 326 -11.55 -2.89 4.94
CA CYS B 326 -11.23 -3.20 3.60
CA CYS B 326 -11.11 -3.12 3.56
C CYS B 326 -11.64 -2.09 2.62
C CYS B 326 -11.80 -2.14 2.60
N ARG B 327 -12.24 -1.01 3.14
CA ARG B 327 -12.70 0.09 2.31
C ARG B 327 -11.51 0.84 1.74
N THR B 328 -11.74 1.54 0.63
CA THR B 328 -10.69 2.26 -0.06
C THR B 328 -11.12 3.69 -0.34
N ASP B 329 -11.89 4.27 0.58
CA ASP B 329 -12.38 5.62 0.43
C ASP B 329 -11.92 6.59 1.51
N MET B 330 -12.40 6.43 2.73
CA MET B 330 -12.15 7.40 3.79
C MET B 330 -12.44 6.77 5.15
N PRO B 331 -12.11 7.48 6.24
CA PRO B 331 -12.38 6.90 7.55
C PRO B 331 -13.85 6.51 7.69
N TYR B 332 -14.10 5.41 8.38
CA TYR B 332 -15.42 4.88 8.57
C TYR B 332 -15.73 4.79 10.04
N ARG B 333 -16.92 5.27 10.42
CA ARG B 333 -17.41 5.15 11.79
C ARG B 333 -18.18 3.84 11.94
N TYR B 334 -17.56 2.87 12.57
CA TYR B 334 -18.13 1.53 12.70
C TYR B 334 -18.85 1.47 14.04
N HIS B 335 -20.16 1.22 13.97
CA HIS B 335 -21.03 1.17 15.14
C HIS B 335 -21.30 -0.29 15.47
N SER B 336 -21.01 -0.70 16.69
CA SER B 336 -21.27 -2.07 17.08
C SER B 336 -21.51 -2.16 18.58
N SER B 337 -21.53 -3.38 19.10
CA SER B 337 -21.59 -3.62 20.53
C SER B 337 -21.03 -4.99 20.77
N LEU B 338 -20.61 -5.26 22.00
CA LEU B 338 -20.00 -6.56 22.28
C LEU B 338 -21.00 -7.69 22.08
N GLY B 339 -22.27 -7.44 22.39
CA GLY B 339 -23.32 -8.43 22.19
C GLY B 339 -23.50 -8.83 20.73
N GLN B 340 -23.34 -7.87 19.82
CA GLN B 340 -23.36 -8.15 18.39
C GLN B 340 -22.10 -8.90 17.91
N LEU B 341 -21.06 -8.94 18.74
CA LEU B 341 -19.84 -9.68 18.44
C LEU B 341 -19.75 -10.96 19.28
N ASN B 342 -20.93 -11.49 19.64
CA ASN B 342 -21.06 -12.79 20.35
C ASN B 342 -20.39 -12.87 21.72
N PHE B 343 -20.32 -11.75 22.43
CA PHE B 343 -19.94 -11.78 23.84
C PHE B 343 -21.19 -12.06 24.67
N THR B 344 -21.04 -12.90 25.71
CA THR B 344 -22.16 -13.48 26.48
C THR B 344 -22.46 -12.72 27.78
N GLY B 345 -23.75 -12.60 28.07
CA GLY B 345 -24.31 -11.67 29.05
C GLY B 345 -23.63 -11.44 30.39
N SER B 346 -23.85 -10.25 30.93
CA SER B 346 -23.60 -9.90 32.33
C SER B 346 -22.18 -9.47 32.69
N VAL B 347 -21.19 -9.79 31.85
CA VAL B 347 -19.82 -9.35 32.13
C VAL B 347 -19.66 -7.89 31.70
N ILE B 348 -19.07 -7.07 32.57
CA ILE B 348 -18.73 -5.68 32.25
C ILE B 348 -17.25 -5.63 31.90
N TYR B 349 -16.92 -4.96 30.80
CA TYR B 349 -15.57 -4.95 30.27
C TYR B 349 -14.96 -3.56 30.23
N GLU B 350 -13.64 -3.55 30.12
CA GLU B 350 -12.88 -2.37 29.75
C GLU B 350 -11.97 -2.74 28.55
N ALA B 351 -11.66 -1.76 27.71
CA ALA B 351 -10.79 -2.02 26.57
C ALA B 351 -9.67 -1.01 26.54
N GLN B 352 -8.48 -1.46 26.13
CA GLN B 352 -7.40 -0.55 25.79
C GLN B 352 -7.12 -0.61 24.30
N ASP B 353 -7.14 0.56 23.67
CA ASP B 353 -6.79 0.67 22.25
C ASP B 353 -5.27 0.43 22.14
N VAL B 354 -4.90 -0.60 21.40
CA VAL B 354 -3.53 -1.06 21.37
C VAL B 354 -2.58 -0.02 20.78
N TYR B 355 -3.03 0.72 19.77
CA TYR B 355 -2.18 1.75 19.15
C TYR B 355 -2.20 3.11 19.85
N SER B 356 -3.37 3.58 20.28
CA SER B 356 -3.47 4.92 20.92
C SER B 356 -3.25 4.87 22.43
N GLY B 357 -3.48 3.71 23.03
CA GLY B 357 -3.35 3.53 24.46
C GLY B 357 -4.56 3.98 25.25
N ASP B 358 -5.56 4.53 24.56
CA ASP B 358 -6.77 5.03 25.20
C ASP B 358 -7.57 3.90 25.87
N ILE B 359 -8.15 4.22 27.03
CA ILE B 359 -8.97 3.26 27.77
C ILE B 359 -10.43 3.60 27.58
N ILE B 360 -11.23 2.57 27.25
CA ILE B 360 -12.68 2.67 27.15
C ILE B 360 -13.31 1.85 28.27
N SER B 361 -14.00 2.51 29.18
CA SER B 361 -14.53 1.84 30.37
C SER B 361 -16.05 1.66 30.27
N GLY B 362 -16.56 0.68 31.00
CA GLY B 362 -18.00 0.50 31.14
C GLY B 362 -18.71 -0.15 29.96
N LEU B 363 -18.01 -1.06 29.27
CA LEU B 363 -18.58 -1.80 28.14
C LEU B 363 -19.34 -3.02 28.63
N ARG B 364 -20.67 -2.97 28.52
CA ARG B 364 -21.52 -4.13 28.70
C ARG B 364 -21.88 -4.67 27.32
N ASP B 365 -22.44 -5.87 27.25
CA ASP B 365 -22.81 -6.47 25.98
C ASP B 365 -23.74 -5.57 25.15
N GLU B 366 -24.63 -4.84 25.83
CA GLU B 366 -25.64 -4.02 25.14
C GLU B 366 -25.14 -2.64 24.75
N THR B 367 -23.98 -2.21 25.25
CA THR B 367 -23.61 -0.81 25.08
C THR B 367 -23.02 -0.53 23.70
N ASN B 368 -23.67 0.40 23.01
CA ASN B 368 -23.26 0.81 21.68
C ASN B 368 -21.93 1.54 21.76
N PHE B 369 -21.00 1.17 20.88
CA PHE B 369 -19.76 1.91 20.75
C PHE B 369 -19.48 2.20 19.28
N THR B 370 -18.59 3.16 19.04
CA THR B 370 -18.17 3.53 17.70
C THR B 370 -16.65 3.54 17.65
N VAL B 371 -16.08 2.94 16.62
CA VAL B 371 -14.64 3.06 16.37
C VAL B 371 -14.45 3.64 14.97
N ILE B 372 -13.44 4.50 14.83
CA ILE B 372 -13.13 5.16 13.58
C ILE B 372 -11.96 4.41 12.96
N ILE B 373 -12.21 3.79 11.81
CA ILE B 373 -11.21 2.94 11.15
C ILE B 373 -10.86 3.56 9.79
N ASN B 374 -9.57 3.74 9.54
CA ASN B 374 -9.12 4.29 8.29
C ASN B 374 -9.01 3.24 7.22
N PRO B 375 -9.07 3.64 5.95
CA PRO B 375 -9.04 2.68 4.86
C PRO B 375 -7.75 1.86 4.84
N SER B 376 -7.87 0.57 4.61
CA SER B 376 -6.77 -0.40 4.68
C SER B 376 -6.11 -0.37 6.04
N GLY B 377 -6.87 -0.06 7.06
CA GLY B 377 -6.35 0.14 8.42
C GLY B 377 -7.15 -0.60 9.45
N VAL B 378 -6.70 -0.52 10.70
CA VAL B 378 -7.35 -1.20 11.82
C VAL B 378 -7.54 -0.28 13.02
N VAL B 379 -8.44 -0.72 13.90
CA VAL B 379 -8.49 -0.32 15.29
C VAL B 379 -8.40 -1.65 16.05
N MET B 380 -7.52 -1.71 17.03
CA MET B 380 -7.34 -2.92 17.81
C MET B 380 -7.57 -2.65 19.28
N TRP B 381 -8.36 -3.53 19.91
CA TRP B 381 -8.64 -3.45 21.34
C TRP B 381 -8.09 -4.64 22.09
N TYR B 382 -7.57 -4.39 23.28
CA TYR B 382 -7.34 -5.44 24.25
C TYR B 382 -8.49 -5.30 25.25
N LEU B 383 -9.33 -6.33 25.33
CA LEU B 383 -10.59 -6.27 26.03
C LEU B 383 -10.55 -7.21 27.23
N TYR B 384 -10.93 -6.73 28.41
CA TYR B 384 -10.86 -7.56 29.60
C TYR B 384 -12.02 -7.26 30.56
N PRO B 385 -12.49 -8.29 31.28
CA PRO B 385 -13.51 -7.98 32.28
C PRO B 385 -12.97 -7.00 33.32
N ILE B 386 -13.80 -6.03 33.69
CA ILE B 386 -13.42 -5.05 34.71
C ILE B 386 -13.64 -5.62 36.12
N LYS B 387 -13.55 -6.95 36.24
CA LYS B 387 -13.39 -7.64 37.52
C LYS B 387 -12.00 -8.30 37.63
N ASN B 388 -11.28 -8.36 36.51
CA ASN B 388 -9.94 -8.96 36.47
C ASN B 388 -8.80 -8.01 36.88
N LEU B 389 -9.04 -6.70 36.82
CA LEU B 389 -8.09 -5.73 37.39
C LEU B 389 -8.08 -5.86 38.92
N GLU B 390 -9.27 -6.09 39.48
CA GLU B 390 -9.44 -6.22 40.93
C GLU B 390 -8.92 -7.56 41.44
N MET B 391 -9.25 -8.64 40.74
CA MET B 391 -8.84 -10.00 41.13
C MET B 391 -7.34 -10.25 40.96
N SER B 392 -6.72 -9.63 39.96
CA SER B 392 -5.27 -9.69 39.78
C SER B 392 -4.50 -8.95 40.90
N GLN B 393 -5.23 -8.16 41.70
CA GLN B 393 -4.66 -7.41 42.83
C GLN B 393 -5.10 -7.93 44.19
N GLN B 394 -5.64 -9.15 44.22
CA GLN B 394 -6.08 -9.80 45.45
C GLN B 394 -5.59 -11.25 45.51
N HIS B 395 -4.43 -11.51 44.89
CA HIS B 395 -3.79 -12.82 44.98
C HIS B 395 -2.94 -12.89 46.25
N HIS B 396 -3.20 -13.90 47.08
CA HIS B 396 -2.48 -14.11 48.35
C HIS B 396 -1.38 -15.16 48.19
N HIS B 397 -0.17 -14.82 48.65
CA HIS B 397 1.00 -15.70 48.49
C HIS B 397 1.59 -16.15 49.81
N HIS B 398 2.36 -17.24 49.75
CA HIS B 398 3.07 -17.79 50.90
C HIS B 398 4.45 -18.32 50.45
N HIS B 399 5.44 -18.30 51.34
CA HIS B 399 6.73 -18.92 51.03
C HIS B 399 6.67 -20.43 51.26
N HIS B 400 7.64 -21.16 50.71
CA HIS B 400 7.71 -22.61 50.87
C HIS B 400 9.10 -23.16 50.56
#